data_3KKJ
#
_entry.id   3KKJ
#
_cell.length_a   120.698
_cell.length_b   120.698
_cell.length_c   114.791
_cell.angle_alpha   90.00
_cell.angle_beta   90.00
_cell.angle_gamma   120.00
#
_symmetry.space_group_name_H-M   'P 32 2 1'
#
loop_
_entity.id
_entity.type
_entity.pdbx_description
1 polymer 'Amine oxidase, flavin-containing'
2 non-polymer 'FLAVIN-ADENINE DINUCLEOTIDE'
3 water water
#
_entity_poly.entity_id   1
_entity_poly.type   'polypeptide(L)'
_entity_poly.pdbx_seq_one_letter_code
;(MSE)TVPIAIIGTGIAGLSAAQALTAAGHQVHLFDKSRGSGGR(MSE)SSKRSDAGALD(MSE)GAQYFTARDRRFATA
VKQWQAQGHVAEWTPLLYNFHAGRLSPSPDEQVRWVGKPG(MSE)SAITRA(MSE)RGD(MSE)PVSFSCRITEVFRGEE
HWNLLDAEGQNHGPFSHVIIATPAPQASTLLAAAPKLASVVAGVK(MSE)DPTWAVALAFETPLQTP(MSE)QGCFVQDS
PLDWLARNRSKPERDDTLDTWILHATSQWSRQNLDASREQVIEHLHGAFAELIDCT(MSE)PAPVFSLAHRWLYARPAGA
HEWGALSDADLGIYVCGDWCLSGRVEGAWLSGQEAARRLLEHLQLEHHHHHH
;
_entity_poly.pdbx_strand_id   A,B
#
loop_
_chem_comp.id
_chem_comp.type
_chem_comp.name
_chem_comp.formula
FAD non-polymer 'FLAVIN-ADENINE DINUCLEOTIDE' 'C27 H33 N9 O15 P2'
#
# COMPACT_ATOMS: atom_id res chain seq x y z
N THR A 2 15.67 18.58 -15.81
CA THR A 2 15.49 17.32 -16.59
C THR A 2 14.56 16.42 -15.81
N VAL A 3 13.85 15.58 -16.55
CA VAL A 3 12.89 14.64 -15.99
C VAL A 3 13.53 13.27 -15.80
N PRO A 4 13.99 12.99 -14.58
CA PRO A 4 14.62 11.71 -14.28
C PRO A 4 13.65 10.51 -14.21
N ILE A 5 14.23 9.35 -13.96
CA ILE A 5 13.46 8.13 -13.86
C ILE A 5 13.28 7.87 -12.37
N ALA A 6 12.08 7.54 -11.97
CA ALA A 6 11.87 7.27 -10.55
C ALA A 6 12.06 5.78 -10.22
N ILE A 7 12.89 5.49 -9.22
CA ILE A 7 13.09 4.12 -8.75
C ILE A 7 12.60 4.05 -7.29
N ILE A 8 11.53 3.29 -7.07
CA ILE A 8 10.95 3.13 -5.75
C ILE A 8 11.53 1.88 -5.13
N GLY A 9 12.45 2.03 -4.17
CA GLY A 9 13.06 0.88 -3.52
C GLY A 9 14.57 0.94 -3.60
N THR A 10 15.25 0.89 -2.47
CA THR A 10 16.71 0.94 -2.53
C THR A 10 17.36 -0.27 -1.92
N GLY A 11 16.83 -1.42 -2.27
CA GLY A 11 17.46 -2.65 -1.88
C GLY A 11 18.42 -2.83 -3.06
N ILE A 12 19.04 -4.01 -3.22
CA ILE A 12 19.98 -4.25 -4.30
C ILE A 12 19.36 -4.27 -5.71
N ALA A 13 18.06 -4.53 -5.80
CA ALA A 13 17.41 -4.55 -7.10
C ALA A 13 17.31 -3.14 -7.67
N GLY A 14 16.64 -2.25 -6.96
CA GLY A 14 16.51 -0.89 -7.42
C GLY A 14 17.85 -0.22 -7.57
N LEU A 15 18.78 -0.57 -6.69
CA LEU A 15 20.11 0.03 -6.76
C LEU A 15 20.86 -0.54 -7.96
N SER A 16 20.43 -1.71 -8.41
CA SER A 16 21.04 -2.34 -9.56
C SER A 16 20.51 -1.62 -10.79
N ALA A 17 19.22 -1.36 -10.83
CA ALA A 17 18.68 -0.64 -11.96
C ALA A 17 19.35 0.72 -11.96
N ALA A 18 19.42 1.38 -10.81
CA ALA A 18 20.04 2.71 -10.75
C ALA A 18 21.40 2.76 -11.41
N GLN A 19 22.25 1.78 -11.16
CA GLN A 19 23.57 1.76 -11.78
C GLN A 19 23.49 1.59 -13.31
N ALA A 20 22.69 0.61 -13.75
CA ALA A 20 22.53 0.35 -15.16
C ALA A 20 22.09 1.63 -15.86
N LEU A 21 20.98 2.19 -15.38
CA LEU A 21 20.47 3.41 -15.98
C LEU A 21 21.52 4.52 -15.98
N THR A 22 22.19 4.71 -14.86
CA THR A 22 23.19 5.75 -14.76
C THR A 22 24.41 5.51 -15.60
N ALA A 23 24.94 4.28 -15.60
CA ALA A 23 26.11 3.97 -16.40
C ALA A 23 25.79 4.25 -17.88
N ALA A 24 24.51 4.13 -18.27
CA ALA A 24 24.08 4.39 -19.63
C ALA A 24 23.75 5.87 -19.79
N GLY A 25 24.23 6.67 -18.84
CA GLY A 25 23.97 8.10 -18.89
C GLY A 25 22.53 8.56 -18.80
N HIS A 26 21.80 8.10 -17.81
CA HIS A 26 20.42 8.58 -17.63
C HIS A 26 20.29 9.05 -16.20
N GLN A 27 19.26 9.85 -15.94
CA GLN A 27 19.10 10.41 -14.60
C GLN A 27 17.99 9.72 -13.84
N VAL A 28 18.29 9.39 -12.59
CA VAL A 28 17.32 8.74 -11.74
C VAL A 28 17.16 9.43 -10.40
N HIS A 29 16.06 9.12 -9.73
CA HIS A 29 15.79 9.63 -8.40
C HIS A 29 15.30 8.43 -7.57
N LEU A 30 16.03 8.10 -6.51
CA LEU A 30 15.68 6.97 -5.67
C LEU A 30 14.79 7.33 -4.46
N PHE A 31 13.79 6.51 -4.21
CA PHE A 31 12.87 6.67 -3.10
C PHE A 31 12.84 5.42 -2.21
N ASP A 32 12.70 5.62 -0.90
CA ASP A 32 12.59 4.51 0.04
C ASP A 32 11.81 4.96 1.27
N LYS A 33 11.07 4.00 1.85
CA LYS A 33 10.27 4.29 3.01
C LYS A 33 11.13 4.30 4.28
N SER A 34 12.24 3.59 4.27
CA SER A 34 13.10 3.54 5.45
C SER A 34 13.94 4.79 5.60
N ARG A 35 14.66 4.82 6.72
CA ARG A 35 15.54 5.93 7.04
C ARG A 35 16.77 5.87 6.13
N GLY A 36 17.11 4.64 5.72
CA GLY A 36 18.28 4.42 4.89
C GLY A 36 18.08 3.38 3.80
N SER A 37 19.14 3.05 3.09
CA SER A 37 19.05 2.09 1.98
C SER A 37 19.50 0.71 2.37
N GLY A 38 19.30 -0.26 1.48
CA GLY A 38 19.76 -1.60 1.77
C GLY A 38 18.67 -2.64 1.82
N GLY A 39 17.45 -2.21 2.11
CA GLY A 39 16.36 -3.16 2.19
C GLY A 39 16.69 -4.39 3.01
N ARG A 40 16.52 -5.57 2.41
CA ARG A 40 16.76 -6.81 3.14
C ARG A 40 18.21 -7.18 3.32
N MSE A 41 19.11 -6.31 2.88
CA MSE A 41 20.52 -6.60 3.06
C MSE A 41 21.06 -5.70 4.13
O MSE A 41 22.26 -5.67 4.37
CB MSE A 41 21.28 -6.39 1.76
CG MSE A 41 21.06 -7.48 0.76
SE MSE A 41 21.95 -7.13 -0.93
CE MSE A 41 23.74 -7.70 -0.43
N SER A 42 20.16 -4.96 4.79
CA SER A 42 20.57 -4.04 5.84
C SER A 42 21.29 -4.73 6.98
N SER A 43 22.20 -3.99 7.58
CA SER A 43 22.95 -4.45 8.74
C SER A 43 22.45 -3.59 9.91
N LYS A 44 22.50 -4.15 11.12
CA LYS A 44 22.06 -3.42 12.31
C LYS A 44 23.23 -3.21 13.26
N ARG A 45 23.44 -1.96 13.67
CA ARG A 45 24.54 -1.68 14.57
C ARG A 45 24.09 -1.70 16.01
N SER A 46 24.55 -2.70 16.75
CA SER A 46 24.22 -2.85 18.16
C SER A 46 25.47 -2.93 19.00
N ASP A 47 25.29 -3.28 20.27
CA ASP A 47 26.37 -3.36 21.24
C ASP A 47 27.56 -4.22 20.81
N ALA A 48 27.37 -5.00 19.76
CA ALA A 48 28.42 -5.89 19.26
C ALA A 48 28.85 -5.51 17.85
N GLY A 49 28.59 -4.26 17.47
CA GLY A 49 28.94 -3.83 16.13
C GLY A 49 27.80 -4.13 15.19
N ALA A 50 28.01 -3.99 13.89
CA ALA A 50 26.95 -4.26 12.93
C ALA A 50 26.64 -5.76 12.85
N LEU A 51 25.40 -6.11 13.13
CA LEU A 51 24.95 -7.50 13.05
C LEU A 51 24.22 -7.63 11.72
N ASP A 52 24.39 -8.78 11.05
CA ASP A 52 23.75 -9.02 9.77
C ASP A 52 22.51 -9.87 10.03
N MSE A 53 21.33 -9.27 9.99
CA MSE A 53 20.13 -10.05 10.29
C MSE A 53 19.20 -10.42 9.17
O MSE A 53 18.29 -11.22 9.36
CB MSE A 53 19.36 -9.38 11.40
CG MSE A 53 19.84 -9.85 12.73
SE MSE A 53 19.18 -8.79 14.14
CE MSE A 53 20.37 -7.28 13.95
N GLY A 54 19.44 -9.85 7.99
CA GLY A 54 18.63 -10.17 6.83
C GLY A 54 19.44 -11.19 6.04
N ALA A 55 19.88 -10.80 4.84
CA ALA A 55 20.70 -11.67 4.03
C ALA A 55 21.93 -12.09 4.84
N GLN A 56 22.21 -13.39 4.87
CA GLN A 56 23.35 -13.91 5.64
C GLN A 56 24.66 -13.93 4.85
N TYR A 57 24.58 -14.27 3.57
CA TYR A 57 25.73 -14.34 2.69
C TYR A 57 25.17 -14.61 1.30
N PHE A 58 25.98 -14.49 0.26
CA PHE A 58 25.47 -14.76 -1.09
C PHE A 58 26.49 -15.38 -2.02
N THR A 59 25.96 -16.03 -3.06
CA THR A 59 26.79 -16.68 -4.06
C THR A 59 26.61 -15.98 -5.40
N ALA A 60 27.43 -16.36 -6.37
CA ALA A 60 27.36 -15.78 -7.70
C ALA A 60 27.41 -16.91 -8.71
N ARG A 61 26.33 -17.06 -9.48
CA ARG A 61 26.20 -18.10 -10.50
C ARG A 61 26.12 -17.50 -11.92
N ASP A 62 26.21 -16.18 -12.04
CA ASP A 62 26.13 -15.54 -13.34
C ASP A 62 27.38 -14.71 -13.55
N ARG A 63 27.89 -14.73 -14.79
CA ARG A 63 29.10 -14.03 -15.18
C ARG A 63 29.09 -12.55 -14.86
N ARG A 64 28.03 -11.87 -15.27
CA ARG A 64 27.89 -10.43 -15.04
C ARG A 64 27.84 -10.16 -13.55
N PHE A 65 26.96 -10.89 -12.87
CA PHE A 65 26.84 -10.71 -11.44
C PHE A 65 28.18 -10.98 -10.80
N ALA A 66 28.79 -12.10 -11.17
CA ALA A 66 30.11 -12.47 -10.66
C ALA A 66 31.09 -11.31 -10.85
N THR A 67 31.03 -10.67 -12.03
CA THR A 67 31.86 -9.52 -12.36
C THR A 67 31.67 -8.40 -11.32
N ALA A 68 30.41 -8.00 -11.14
CA ALA A 68 30.03 -6.96 -10.20
C ALA A 68 30.66 -7.22 -8.84
N VAL A 69 30.52 -8.46 -8.39
CA VAL A 69 31.07 -8.88 -7.12
C VAL A 69 32.57 -8.67 -7.15
N LYS A 70 33.20 -9.06 -8.26
CA LYS A 70 34.64 -8.92 -8.42
C LYS A 70 35.04 -7.48 -8.11
N GLN A 71 34.32 -6.55 -8.73
CA GLN A 71 34.57 -5.15 -8.53
C GLN A 71 34.42 -4.80 -7.06
N TRP A 72 33.22 -4.98 -6.50
CA TRP A 72 32.96 -4.65 -5.11
C TRP A 72 34.07 -5.12 -4.20
N GLN A 73 34.59 -6.32 -4.49
CA GLN A 73 35.70 -6.84 -3.70
C GLN A 73 36.88 -5.89 -3.83
N ALA A 74 37.25 -5.58 -5.07
CA ALA A 74 38.35 -4.68 -5.32
C ALA A 74 38.20 -3.41 -4.52
N GLN A 75 36.99 -2.87 -4.50
CA GLN A 75 36.70 -1.63 -3.76
C GLN A 75 36.69 -1.85 -2.24
N GLY A 76 36.68 -3.11 -1.82
CA GLY A 76 36.69 -3.40 -0.41
C GLY A 76 35.33 -3.41 0.28
N HIS A 77 34.26 -3.57 -0.48
CA HIS A 77 32.92 -3.60 0.10
C HIS A 77 32.42 -5.03 0.17
N VAL A 78 33.29 -5.98 -0.18
CA VAL A 78 32.96 -7.41 -0.13
C VAL A 78 34.20 -8.26 0.17
N ALA A 79 34.00 -9.34 0.90
CA ALA A 79 35.09 -10.25 1.22
C ALA A 79 34.51 -11.65 1.08
N GLU A 80 35.35 -12.67 1.26
CA GLU A 80 34.85 -14.03 1.14
C GLU A 80 34.63 -14.59 2.52
N TRP A 81 33.47 -15.17 2.76
CA TRP A 81 33.19 -15.76 4.04
C TRP A 81 33.45 -17.25 3.88
N THR A 82 34.37 -17.73 4.72
CA THR A 82 34.79 -19.13 4.72
C THR A 82 34.59 -19.71 6.10
N PRO A 83 33.36 -19.68 6.62
CA PRO A 83 33.11 -20.22 7.96
C PRO A 83 33.14 -21.75 7.98
N LEU A 84 33.22 -22.34 9.17
CA LEU A 84 33.18 -23.78 9.29
C LEU A 84 31.69 -24.05 9.47
N LEU A 85 31.03 -24.43 8.38
CA LEU A 85 29.60 -24.68 8.41
C LEU A 85 29.25 -26.06 8.98
N TYR A 86 28.12 -26.15 9.67
CA TYR A 86 27.64 -27.42 10.22
C TYR A 86 26.25 -27.78 9.72
N ASN A 87 25.79 -28.97 10.10
CA ASN A 87 24.50 -29.49 9.67
C ASN A 87 23.79 -30.10 10.88
N PHE A 88 22.51 -30.41 10.74
CA PHE A 88 21.74 -30.98 11.85
C PHE A 88 20.69 -32.02 11.45
N HIS A 89 20.97 -33.30 11.73
CA HIS A 89 20.08 -34.45 11.46
C HIS A 89 19.91 -35.24 12.75
N ALA A 90 19.63 -34.53 13.84
CA ALA A 90 19.47 -35.05 15.19
C ALA A 90 20.76 -34.69 15.95
N GLY A 91 21.83 -34.41 15.18
CA GLY A 91 23.11 -34.03 15.74
C GLY A 91 23.98 -33.26 14.75
N ARG A 92 24.76 -32.28 15.23
CA ARG A 92 25.63 -31.48 14.36
C ARG A 92 26.72 -32.40 13.83
N LEU A 93 26.89 -32.42 12.51
CA LEU A 93 27.85 -33.30 11.88
C LEU A 93 28.85 -32.68 10.92
N SER A 94 28.82 -31.36 10.74
CA SER A 94 29.74 -30.71 9.79
C SER A 94 29.40 -31.20 8.38
N PRO A 95 29.02 -30.30 7.46
CA PRO A 95 28.67 -30.71 6.10
C PRO A 95 29.79 -30.44 5.11
N SER A 96 30.32 -29.23 5.16
CA SER A 96 31.40 -28.78 4.29
C SER A 96 31.17 -28.68 2.77
N PRO A 97 30.11 -27.97 2.33
CA PRO A 97 29.89 -27.84 0.89
C PRO A 97 30.86 -26.74 0.51
N ASP A 98 32.03 -26.79 1.16
CA ASP A 98 33.08 -25.79 1.00
C ASP A 98 33.48 -25.44 -0.41
N GLU A 99 33.11 -26.30 -1.36
CA GLU A 99 33.42 -26.03 -2.75
C GLU A 99 32.61 -24.80 -3.14
N GLN A 100 31.68 -24.43 -2.26
CA GLN A 100 30.80 -23.28 -2.45
C GLN A 100 31.36 -22.00 -1.85
N VAL A 101 31.64 -21.05 -2.73
CA VAL A 101 32.18 -19.76 -2.33
C VAL A 101 31.04 -18.86 -1.80
N ARG A 102 31.28 -18.18 -0.70
CA ARG A 102 30.25 -17.32 -0.13
C ARG A 102 30.74 -15.90 0.10
N TRP A 103 29.91 -14.92 -0.25
CA TRP A 103 30.28 -13.52 -0.09
C TRP A 103 29.44 -12.75 0.92
N VAL A 104 30.08 -11.75 1.54
CA VAL A 104 29.43 -10.89 2.53
C VAL A 104 29.95 -9.44 2.42
N GLY A 105 29.15 -8.47 2.87
CA GLY A 105 29.58 -7.07 2.83
C GLY A 105 30.85 -6.96 3.65
N LYS A 106 31.80 -6.10 3.26
CA LYS A 106 33.06 -6.04 3.99
C LYS A 106 33.03 -5.68 5.45
N PRO A 107 32.32 -4.60 5.82
CA PRO A 107 32.28 -4.29 7.25
C PRO A 107 30.93 -4.78 7.78
N GLY A 108 30.01 -4.99 6.84
CA GLY A 108 28.69 -5.46 7.14
C GLY A 108 27.95 -5.63 5.84
N MSE A 109 27.03 -6.58 5.80
CA MSE A 109 26.24 -6.83 4.62
C MSE A 109 25.72 -5.54 3.96
O MSE A 109 25.59 -5.44 2.74
CB MSE A 109 25.07 -7.73 4.98
CG MSE A 109 24.30 -8.26 3.80
SE MSE A 109 25.38 -9.46 2.73
CE MSE A 109 25.61 -10.84 4.07
N SER A 110 25.44 -4.52 4.78
CA SER A 110 24.91 -3.27 4.25
C SER A 110 25.90 -2.41 3.46
N ALA A 111 27.18 -2.79 3.46
CA ALA A 111 28.19 -2.03 2.73
C ALA A 111 28.09 -2.10 1.22
N ILE A 112 27.54 -3.18 0.70
CA ILE A 112 27.41 -3.33 -0.75
C ILE A 112 26.37 -2.33 -1.28
N THR A 113 25.25 -2.24 -0.59
CA THR A 113 24.21 -1.34 -1.03
C THR A 113 24.57 0.10 -0.76
N ARG A 114 25.30 0.33 0.31
CA ARG A 114 25.71 1.67 0.66
C ARG A 114 26.64 2.18 -0.45
N ALA A 115 27.47 1.30 -1.00
CA ALA A 115 28.37 1.71 -2.07
C ALA A 115 27.60 1.83 -3.39
N MSE A 116 26.64 0.95 -3.63
CA MSE A 116 25.89 1.06 -4.87
C MSE A 116 25.07 2.33 -4.87
O MSE A 116 24.81 2.91 -5.93
CB MSE A 116 24.95 -0.12 -5.04
CG MSE A 116 25.66 -1.42 -5.02
SE MSE A 116 24.45 -2.86 -5.40
CE MSE A 116 23.71 -2.27 -7.11
N ARG A 117 24.68 2.80 -3.68
CA ARG A 117 23.90 4.01 -3.60
C ARG A 117 24.81 5.21 -3.83
N GLY A 118 26.02 5.11 -3.32
CA GLY A 118 26.97 6.21 -3.49
C GLY A 118 26.35 7.59 -3.50
N ASP A 119 26.44 8.28 -4.63
CA ASP A 119 25.92 9.62 -4.70
C ASP A 119 24.65 9.83 -5.48
N MSE A 120 23.79 8.83 -5.59
CA MSE A 120 22.55 9.11 -6.30
C MSE A 120 21.55 9.85 -5.46
O MSE A 120 21.48 9.68 -4.25
CB MSE A 120 21.81 7.87 -6.76
CG MSE A 120 22.27 7.34 -8.06
SE MSE A 120 23.47 6.08 -7.45
CE MSE A 120 22.27 4.84 -6.57
N PRO A 121 20.76 10.70 -6.10
CA PRO A 121 19.75 11.42 -5.33
C PRO A 121 18.74 10.36 -4.79
N VAL A 122 18.53 10.38 -3.48
CA VAL A 122 17.64 9.46 -2.83
C VAL A 122 16.78 10.15 -1.75
N SER A 123 15.48 9.96 -1.84
CA SER A 123 14.58 10.51 -0.86
C SER A 123 14.23 9.38 0.15
N PHE A 124 14.67 9.56 1.40
CA PHE A 124 14.40 8.58 2.48
C PHE A 124 13.22 9.00 3.38
N SER A 125 12.63 8.03 4.08
CA SER A 125 11.46 8.22 4.95
C SER A 125 10.36 8.73 4.07
N CYS A 126 10.26 8.11 2.91
CA CYS A 126 9.26 8.53 1.98
C CYS A 126 8.55 7.29 1.46
N ARG A 127 7.44 6.91 2.12
CA ARG A 127 6.66 5.74 1.73
C ARG A 127 5.78 6.09 0.53
N ILE A 128 6.10 5.55 -0.64
CA ILE A 128 5.28 5.87 -1.80
C ILE A 128 3.99 5.08 -1.68
N THR A 129 2.92 5.78 -1.96
CA THR A 129 1.56 5.26 -1.82
C THR A 129 0.80 5.08 -3.12
N GLU A 130 0.90 6.10 -3.98
CA GLU A 130 0.19 6.17 -5.27
C GLU A 130 1.15 6.45 -6.41
N VAL A 131 0.96 5.76 -7.54
CA VAL A 131 1.80 5.93 -8.74
C VAL A 131 0.85 6.10 -9.93
N PHE A 132 0.80 7.30 -10.51
CA PHE A 132 -0.10 7.55 -11.62
C PHE A 132 0.58 8.39 -12.70
N ARG A 133 -0.08 8.57 -13.83
CA ARG A 133 0.52 9.33 -14.91
C ARG A 133 -0.52 10.07 -15.75
N GLY A 134 -0.11 11.19 -16.34
CA GLY A 134 -1.00 11.95 -17.20
C GLY A 134 -0.55 11.63 -18.62
N GLU A 135 -0.84 12.47 -19.60
CA GLU A 135 -0.37 12.15 -20.95
C GLU A 135 1.15 12.22 -20.84
N GLU A 136 1.56 13.30 -20.20
CA GLU A 136 2.94 13.67 -19.96
C GLU A 136 3.83 12.69 -19.21
N HIS A 137 3.84 12.88 -17.89
CA HIS A 137 4.71 12.16 -16.96
C HIS A 137 4.07 11.36 -15.85
N TRP A 138 4.95 10.77 -15.05
CA TRP A 138 4.54 9.97 -13.91
C TRP A 138 4.65 10.84 -12.66
N ASN A 139 3.78 10.54 -11.70
CA ASN A 139 3.79 11.22 -10.43
C ASN A 139 3.60 10.26 -9.28
N LEU A 140 4.32 10.51 -8.21
CA LEU A 140 4.25 9.72 -7.01
C LEU A 140 3.57 10.55 -5.93
N LEU A 141 2.82 9.89 -5.07
CA LEU A 141 2.19 10.53 -3.93
C LEU A 141 2.71 9.72 -2.76
N ASP A 142 3.25 10.35 -1.73
CA ASP A 142 3.70 9.58 -0.56
C ASP A 142 2.60 9.60 0.53
N ALA A 143 2.85 8.89 1.61
CA ALA A 143 1.90 8.79 2.71
C ALA A 143 1.53 10.15 3.31
N GLU A 144 2.35 11.17 3.10
CA GLU A 144 2.04 12.48 3.65
C GLU A 144 1.33 13.36 2.65
N GLY A 145 0.83 12.78 1.57
CA GLY A 145 0.10 13.56 0.58
C GLY A 145 1.01 14.49 -0.20
N GLN A 146 2.32 14.35 -0.03
CA GLN A 146 3.24 15.18 -0.79
C GLN A 146 3.38 14.54 -2.17
N ASN A 147 3.45 15.40 -3.19
CA ASN A 147 3.59 14.94 -4.55
C ASN A 147 5.07 14.93 -4.99
N HIS A 148 5.44 13.89 -5.72
CA HIS A 148 6.79 13.81 -6.27
C HIS A 148 6.73 13.59 -7.77
N GLY A 149 7.52 14.36 -8.51
CA GLY A 149 7.54 14.22 -9.95
C GLY A 149 7.81 15.58 -10.51
N PRO A 150 7.74 15.76 -11.83
CA PRO A 150 7.44 14.76 -12.85
C PRO A 150 8.55 13.76 -13.02
N PHE A 151 8.20 12.56 -13.48
CA PHE A 151 9.19 11.51 -13.72
C PHE A 151 8.88 10.94 -15.11
N SER A 152 9.92 10.53 -15.83
CA SER A 152 9.74 10.00 -17.19
C SER A 152 9.18 8.57 -17.24
N HIS A 153 9.68 7.73 -16.33
CA HIS A 153 9.29 6.34 -16.22
C HIS A 153 9.39 6.02 -14.72
N VAL A 154 8.88 4.87 -14.30
CA VAL A 154 8.97 4.51 -12.90
C VAL A 154 9.40 3.04 -12.74
N ILE A 155 10.37 2.78 -11.89
CA ILE A 155 10.78 1.40 -11.63
C ILE A 155 10.37 1.01 -10.17
N ILE A 156 9.43 0.06 -10.05
CA ILE A 156 9.02 -0.44 -8.73
C ILE A 156 10.02 -1.53 -8.34
N ALA A 157 10.76 -1.37 -7.25
CA ALA A 157 11.72 -2.42 -6.85
C ALA A 157 11.51 -2.87 -5.38
N THR A 158 10.29 -3.26 -5.06
CA THR A 158 9.92 -3.68 -3.72
C THR A 158 9.40 -5.12 -3.68
N PRO A 159 9.15 -5.67 -2.49
CA PRO A 159 8.63 -7.03 -2.42
C PRO A 159 7.25 -7.02 -3.12
N ALA A 160 6.95 -8.09 -3.86
CA ALA A 160 5.69 -8.17 -4.59
C ALA A 160 4.42 -7.62 -3.92
N PRO A 161 4.09 -8.08 -2.69
CA PRO A 161 2.88 -7.56 -2.04
C PRO A 161 2.87 -6.03 -1.93
N GLN A 162 4.04 -5.46 -1.67
CA GLN A 162 4.18 -4.01 -1.54
C GLN A 162 4.15 -3.35 -2.88
N ALA A 163 4.51 -4.10 -3.93
CA ALA A 163 4.50 -3.54 -5.28
C ALA A 163 3.04 -3.36 -5.75
N SER A 164 2.16 -4.25 -5.30
CA SER A 164 0.74 -4.22 -5.68
C SER A 164 0.03 -2.90 -5.60
N THR A 165 0.24 -2.15 -4.52
CA THR A 165 -0.47 -0.90 -4.42
C THR A 165 0.13 0.14 -5.31
N LEU A 166 1.41 -0.04 -5.65
CA LEU A 166 2.12 0.86 -6.55
C LEU A 166 1.76 0.61 -8.02
N LEU A 167 0.93 -0.39 -8.29
CA LEU A 167 0.61 -0.71 -9.67
C LEU A 167 -0.81 -0.50 -10.14
N ALA A 168 -1.57 0.33 -9.44
CA ALA A 168 -2.93 0.56 -9.84
C ALA A 168 -3.05 1.09 -11.28
N ALA A 169 -1.96 1.63 -11.83
CA ALA A 169 -2.00 2.17 -13.19
C ALA A 169 -2.02 1.06 -14.26
N ALA A 170 -1.69 -0.16 -13.84
CA ALA A 170 -1.65 -1.33 -14.71
C ALA A 170 -2.27 -2.56 -13.97
N PRO A 171 -3.60 -2.59 -13.88
CA PRO A 171 -4.34 -3.67 -13.23
C PRO A 171 -3.85 -5.06 -13.59
N LYS A 172 -3.75 -5.32 -14.90
CA LYS A 172 -3.33 -6.63 -15.41
C LYS A 172 -1.99 -6.97 -14.84
N LEU A 173 -1.12 -5.98 -14.74
CA LEU A 173 0.20 -6.25 -14.20
C LEU A 173 0.11 -6.50 -12.69
N ALA A 174 -0.70 -5.67 -12.00
CA ALA A 174 -0.86 -5.76 -10.56
C ALA A 174 -1.38 -7.15 -10.22
N SER A 175 -2.34 -7.59 -11.03
CA SER A 175 -2.95 -8.90 -10.84
C SER A 175 -1.93 -10.04 -10.76
N VAL A 176 -0.93 -10.00 -11.63
CA VAL A 176 0.10 -11.03 -11.67
C VAL A 176 1.01 -10.90 -10.45
N VAL A 177 1.46 -9.67 -10.20
CA VAL A 177 2.35 -9.39 -9.07
C VAL A 177 1.70 -9.85 -7.75
N ALA A 178 0.38 -9.62 -7.63
CA ALA A 178 -0.37 -9.99 -6.44
C ALA A 178 -0.40 -11.47 -6.10
N GLY A 179 -0.13 -12.31 -7.08
CA GLY A 179 -0.14 -13.74 -6.83
C GLY A 179 1.16 -14.26 -6.27
N VAL A 180 2.21 -13.47 -6.26
CA VAL A 180 3.50 -13.94 -5.76
C VAL A 180 3.51 -13.98 -4.24
N LYS A 181 3.72 -15.16 -3.70
CA LYS A 181 3.72 -15.33 -2.26
C LYS A 181 5.09 -15.15 -1.62
N MSE A 182 5.13 -14.44 -0.51
CA MSE A 182 6.37 -14.24 0.21
C MSE A 182 6.26 -14.99 1.56
O MSE A 182 5.16 -15.06 2.14
CB MSE A 182 6.58 -12.77 0.48
CG MSE A 182 6.59 -11.90 -0.77
SE MSE A 182 8.22 -11.95 -1.83
CE MSE A 182 7.37 -11.66 -3.52
N ASP A 183 7.38 -15.55 2.04
CA ASP A 183 7.39 -16.22 3.32
C ASP A 183 8.03 -15.27 4.29
N PRO A 184 7.63 -15.33 5.55
CA PRO A 184 8.24 -14.44 6.54
C PRO A 184 9.37 -15.20 7.22
N THR A 185 10.15 -14.52 8.04
CA THR A 185 11.23 -15.14 8.78
C THR A 185 11.51 -14.32 10.02
N TRP A 186 11.49 -15.01 11.16
CA TRP A 186 11.76 -14.38 12.43
C TRP A 186 13.24 -14.54 12.67
N ALA A 187 13.91 -13.43 12.93
CA ALA A 187 15.33 -13.45 13.20
C ALA A 187 15.58 -12.97 14.61
N VAL A 188 16.53 -13.61 15.26
CA VAL A 188 16.90 -13.27 16.61
C VAL A 188 18.41 -13.18 16.62
N ALA A 189 18.92 -12.31 17.49
CA ALA A 189 20.35 -12.13 17.63
C ALA A 189 20.69 -12.22 19.13
N LEU A 190 21.70 -13.02 19.45
CA LEU A 190 22.15 -13.19 20.82
C LEU A 190 23.64 -12.83 20.85
N ALA A 191 24.05 -12.21 21.94
CA ALA A 191 25.42 -11.81 22.12
C ALA A 191 25.86 -12.27 23.51
N PHE A 192 26.92 -13.08 23.57
CA PHE A 192 27.46 -13.59 24.82
C PHE A 192 28.79 -12.91 25.13
N GLU A 193 29.13 -12.83 26.41
CA GLU A 193 30.38 -12.21 26.82
C GLU A 193 31.48 -13.27 26.73
N THR A 194 31.08 -14.53 26.72
CA THR A 194 32.02 -15.62 26.64
C THR A 194 31.80 -16.45 25.39
N PRO A 195 32.77 -16.43 24.47
CA PRO A 195 32.64 -17.19 23.23
C PRO A 195 32.19 -18.62 23.49
N LEU A 196 31.14 -19.06 22.80
CA LEU A 196 30.64 -20.41 22.98
C LEU A 196 31.80 -21.34 22.60
N GLN A 197 32.03 -22.38 23.40
CA GLN A 197 33.12 -23.31 23.12
C GLN A 197 32.82 -24.27 21.99
N THR A 198 32.79 -23.77 20.76
CA THR A 198 32.53 -24.63 19.64
C THR A 198 33.26 -23.98 18.49
N PRO A 199 33.69 -24.77 17.49
CA PRO A 199 34.42 -24.23 16.33
C PRO A 199 33.44 -23.90 15.20
N MSE A 200 32.16 -24.13 15.47
CA MSE A 200 31.09 -23.89 14.50
C MSE A 200 30.93 -22.41 14.19
O MSE A 200 31.09 -21.56 15.08
CB MSE A 200 29.77 -24.45 15.03
CG MSE A 200 28.55 -24.16 14.19
SE MSE A 200 27.03 -25.15 14.88
CE MSE A 200 26.81 -24.23 16.57
N GLN A 201 30.63 -22.11 12.93
CA GLN A 201 30.47 -20.74 12.48
C GLN A 201 29.22 -20.53 11.60
N GLY A 202 28.53 -21.63 11.30
CA GLY A 202 27.33 -21.54 10.49
C GLY A 202 26.64 -22.87 10.66
N CYS A 203 25.32 -22.94 10.41
CA CYS A 203 24.63 -24.21 10.56
C CYS A 203 23.28 -24.34 9.88
N PHE A 204 23.17 -25.32 8.99
CA PHE A 204 21.92 -25.58 8.26
C PHE A 204 21.17 -26.54 9.19
N VAL A 205 19.96 -26.16 9.60
CA VAL A 205 19.18 -26.95 10.53
C VAL A 205 17.84 -27.51 10.05
N GLN A 206 17.62 -28.79 10.31
CA GLN A 206 16.36 -29.45 9.97
C GLN A 206 15.71 -29.81 11.29
N ASP A 207 14.46 -30.23 11.25
CA ASP A 207 13.73 -30.63 12.45
C ASP A 207 13.88 -29.70 13.64
N SER A 208 13.77 -28.41 13.38
CA SER A 208 13.90 -27.41 14.45
C SER A 208 13.16 -26.13 14.06
N PRO A 209 12.75 -25.34 15.06
CA PRO A 209 12.06 -24.12 14.64
C PRO A 209 13.09 -23.36 13.77
N LEU A 210 14.37 -23.53 14.14
CA LEU A 210 15.48 -22.88 13.47
C LEU A 210 15.78 -23.49 12.11
N ASP A 211 16.02 -22.62 11.14
CA ASP A 211 16.33 -23.03 9.79
C ASP A 211 17.82 -22.81 9.52
N TRP A 212 18.35 -21.71 10.06
CA TRP A 212 19.74 -21.35 9.85
C TRP A 212 20.31 -20.56 11.03
N LEU A 213 21.60 -20.70 11.25
CA LEU A 213 22.27 -19.95 12.30
C LEU A 213 23.68 -19.63 11.83
N ALA A 214 24.17 -18.47 12.26
CA ALA A 214 25.48 -17.99 11.86
C ALA A 214 26.24 -17.26 12.96
N ARG A 215 27.52 -17.59 13.11
CA ARG A 215 28.38 -16.95 14.10
C ARG A 215 28.83 -15.65 13.43
N ASN A 216 28.09 -14.58 13.68
CA ASN A 216 28.37 -13.29 13.05
C ASN A 216 29.79 -12.74 13.19
N ARG A 217 30.45 -12.95 14.32
CA ARG A 217 31.80 -12.40 14.49
C ARG A 217 32.83 -13.07 13.58
N SER A 218 32.52 -14.26 13.09
CA SER A 218 33.44 -14.97 12.21
C SER A 218 33.52 -14.31 10.83
N LYS A 219 32.53 -13.50 10.48
CA LYS A 219 32.54 -12.82 9.19
C LYS A 219 33.72 -11.83 9.12
N PRO A 220 34.41 -11.78 7.97
CA PRO A 220 35.54 -10.87 7.81
C PRO A 220 35.32 -9.42 8.21
N GLU A 221 36.17 -8.93 9.10
CA GLU A 221 36.14 -7.54 9.54
C GLU A 221 35.03 -7.15 10.54
N ARG A 222 34.33 -8.13 11.10
CA ARG A 222 33.28 -7.81 12.06
C ARG A 222 33.92 -7.62 13.42
N ASP A 223 33.40 -6.66 14.20
CA ASP A 223 33.92 -6.40 15.54
C ASP A 223 33.99 -7.69 16.33
N ASP A 224 35.18 -8.00 16.85
CA ASP A 224 35.38 -9.21 17.62
C ASP A 224 35.56 -8.90 19.09
N THR A 225 34.50 -8.38 19.71
CA THR A 225 34.55 -8.05 21.13
C THR A 225 33.59 -8.97 21.86
N LEU A 226 32.46 -9.22 21.23
CA LEU A 226 31.38 -10.06 21.77
C LEU A 226 31.04 -11.20 20.82
N ASP A 227 30.73 -12.38 21.36
CA ASP A 227 30.37 -13.51 20.50
C ASP A 227 28.89 -13.31 20.17
N THR A 228 28.59 -13.22 18.89
CA THR A 228 27.22 -12.97 18.46
C THR A 228 26.72 -13.88 17.39
N TRP A 229 25.54 -14.43 17.64
CA TRP A 229 24.94 -15.37 16.71
C TRP A 229 23.63 -14.86 16.20
N ILE A 230 23.32 -15.24 14.98
CA ILE A 230 22.10 -14.82 14.39
C ILE A 230 21.27 -16.06 14.18
N LEU A 231 20.00 -16.00 14.57
CA LEU A 231 19.15 -17.16 14.43
C LEU A 231 18.03 -16.87 13.46
N HIS A 232 17.85 -17.75 12.50
CA HIS A 232 16.81 -17.57 11.51
C HIS A 232 15.80 -18.71 11.59
N ALA A 233 14.59 -18.37 12.02
CA ALA A 233 13.53 -19.34 12.14
C ALA A 233 13.12 -19.85 10.78
N THR A 234 12.54 -21.03 10.77
CA THR A 234 12.05 -21.63 9.55
C THR A 234 10.80 -20.84 9.15
N SER A 235 10.38 -20.91 7.90
CA SER A 235 9.19 -20.16 7.51
C SER A 235 7.90 -20.70 8.14
N GLN A 236 7.77 -22.02 8.24
CA GLN A 236 6.57 -22.56 8.85
C GLN A 236 6.48 -22.05 10.29
N TRP A 237 7.57 -22.14 11.04
CA TRP A 237 7.53 -21.65 12.41
C TRP A 237 7.17 -20.16 12.43
N SER A 238 7.87 -19.37 11.62
CA SER A 238 7.63 -17.92 11.55
C SER A 238 6.16 -17.65 11.26
N ARG A 239 5.61 -18.42 10.31
CA ARG A 239 4.22 -18.29 9.97
C ARG A 239 3.37 -18.61 11.19
N GLN A 240 3.68 -19.71 11.85
CA GLN A 240 2.90 -20.11 13.01
C GLN A 240 3.04 -19.14 14.17
N ASN A 241 4.18 -18.49 14.25
CA ASN A 241 4.46 -17.56 15.34
C ASN A 241 4.59 -16.12 14.89
N LEU A 242 4.01 -15.83 13.72
CA LEU A 242 4.05 -14.50 13.15
C LEU A 242 3.62 -13.39 14.12
N ASP A 243 2.59 -13.65 14.93
CA ASP A 243 2.11 -12.64 15.87
C ASP A 243 2.70 -12.70 17.28
N ALA A 244 3.64 -13.60 17.51
CA ALA A 244 4.24 -13.72 18.83
C ALA A 244 5.11 -12.49 19.17
N SER A 245 5.29 -12.20 20.44
CA SER A 245 6.08 -11.03 20.81
C SER A 245 7.57 -11.28 20.59
N ARG A 246 8.33 -10.20 20.48
CA ARG A 246 9.77 -10.35 20.28
C ARG A 246 10.41 -11.24 21.37
N GLU A 247 10.21 -10.88 22.63
CA GLU A 247 10.79 -11.66 23.73
C GLU A 247 10.38 -13.13 23.68
N GLN A 248 9.15 -13.40 23.25
CA GLN A 248 8.72 -14.79 23.14
C GLN A 248 9.58 -15.49 22.11
N VAL A 249 9.77 -14.81 20.98
CA VAL A 249 10.58 -15.33 19.88
C VAL A 249 12.01 -15.47 20.40
N ILE A 250 12.47 -14.50 21.16
CA ILE A 250 13.82 -14.58 21.70
C ILE A 250 13.84 -15.77 22.66
N GLU A 251 12.72 -16.03 23.31
CA GLU A 251 12.63 -17.15 24.24
C GLU A 251 12.76 -18.48 23.48
N HIS A 252 11.89 -18.70 22.50
CA HIS A 252 11.88 -19.95 21.75
C HIS A 252 13.06 -20.24 20.83
N LEU A 253 13.50 -19.26 20.04
CA LEU A 253 14.62 -19.53 19.15
C LEU A 253 15.90 -19.67 19.95
N HIS A 254 16.01 -18.94 21.04
CA HIS A 254 17.19 -19.07 21.91
C HIS A 254 17.16 -20.50 22.44
N GLY A 255 15.95 -20.95 22.81
CA GLY A 255 15.76 -22.29 23.31
C GLY A 255 16.16 -23.34 22.31
N ALA A 256 15.70 -23.25 21.07
CA ALA A 256 16.05 -24.24 20.06
C ALA A 256 17.56 -24.30 19.82
N PHE A 257 18.22 -23.14 19.89
CA PHE A 257 19.65 -23.03 19.69
C PHE A 257 20.38 -23.80 20.81
N ALA A 258 20.17 -23.41 22.07
CA ALA A 258 20.78 -24.07 23.22
C ALA A 258 20.52 -25.58 23.19
N GLU A 259 19.32 -25.94 22.74
CA GLU A 259 18.91 -27.33 22.67
C GLU A 259 19.69 -28.08 21.58
N LEU A 260 20.49 -27.39 20.79
CA LEU A 260 21.18 -28.10 19.73
C LEU A 260 22.72 -28.16 19.77
N ILE A 261 23.37 -27.35 20.61
CA ILE A 261 24.83 -27.43 20.71
C ILE A 261 25.15 -28.28 21.93
N ASP A 262 26.24 -29.04 21.86
CA ASP A 262 26.64 -29.90 22.98
C ASP A 262 27.17 -29.11 24.16
N CYS A 263 27.75 -27.95 23.91
CA CYS A 263 28.35 -27.14 24.97
C CYS A 263 27.42 -26.23 25.76
N THR A 264 28.02 -25.57 26.76
CA THR A 264 27.29 -24.66 27.63
C THR A 264 27.00 -23.31 26.97
N MSE A 265 25.90 -22.70 27.37
CA MSE A 265 25.49 -21.44 26.81
C MSE A 265 25.05 -20.44 27.87
O MSE A 265 23.91 -20.48 28.34
CB MSE A 265 24.35 -21.67 25.83
CG MSE A 265 23.82 -20.42 25.18
SE MSE A 265 22.77 -20.97 23.68
CE MSE A 265 24.17 -21.66 22.54
N PRO A 266 25.94 -19.50 28.23
CA PRO A 266 25.74 -18.46 29.23
C PRO A 266 24.50 -17.55 29.03
N ALA A 267 24.35 -16.58 29.93
CA ALA A 267 23.25 -15.61 29.86
C ALA A 267 23.67 -14.52 28.86
N PRO A 268 22.88 -14.33 27.79
CA PRO A 268 23.20 -13.31 26.79
C PRO A 268 23.33 -11.88 27.30
N VAL A 269 24.38 -11.19 26.86
CA VAL A 269 24.59 -9.81 27.25
C VAL A 269 23.34 -9.08 26.74
N PHE A 270 22.90 -9.44 25.54
CA PHE A 270 21.70 -8.84 24.97
C PHE A 270 21.16 -9.70 23.84
N SER A 271 19.89 -9.47 23.52
CA SER A 271 19.24 -10.23 22.47
C SER A 271 18.23 -9.34 21.75
N LEU A 272 18.26 -9.39 20.42
CA LEU A 272 17.33 -8.63 19.61
C LEU A 272 16.48 -9.60 18.82
N ALA A 273 15.32 -9.13 18.39
CA ALA A 273 14.44 -9.94 17.56
C ALA A 273 13.91 -9.01 16.49
N HIS A 274 13.70 -9.54 15.30
CA HIS A 274 13.15 -8.77 14.20
C HIS A 274 12.39 -9.70 13.25
N ARG A 275 11.16 -9.33 12.93
CA ARG A 275 10.31 -10.12 12.04
C ARG A 275 10.32 -9.56 10.61
N TRP A 276 10.65 -10.39 9.63
CA TRP A 276 10.63 -9.94 8.24
C TRP A 276 9.37 -10.57 7.66
N LEU A 277 8.33 -9.77 7.48
CA LEU A 277 7.10 -10.30 6.93
C LEU A 277 7.29 -10.88 5.53
N TYR A 278 7.95 -10.14 4.64
CA TYR A 278 8.21 -10.62 3.28
C TYR A 278 9.72 -10.85 3.12
N ALA A 279 10.21 -11.91 3.78
CA ALA A 279 11.62 -12.27 3.77
C ALA A 279 12.12 -12.71 2.41
N ARG A 280 11.62 -13.82 1.89
CA ARG A 280 12.05 -14.30 0.59
C ARG A 280 10.84 -14.87 -0.12
N PRO A 281 10.88 -15.00 -1.45
CA PRO A 281 9.75 -15.55 -2.20
C PRO A 281 9.52 -17.00 -1.76
N ALA A 282 8.27 -17.45 -1.77
CA ALA A 282 7.98 -18.84 -1.39
C ALA A 282 8.45 -19.81 -2.47
N GLY A 283 8.31 -19.42 -3.73
CA GLY A 283 8.76 -20.28 -4.81
C GLY A 283 9.82 -19.56 -5.61
N ALA A 284 10.25 -20.16 -6.72
CA ALA A 284 11.26 -19.55 -7.60
C ALA A 284 10.55 -19.03 -8.85
N HIS A 285 11.17 -18.11 -9.58
CA HIS A 285 10.55 -17.54 -10.78
C HIS A 285 11.52 -17.35 -11.93
N GLU A 286 10.95 -17.11 -13.10
CA GLU A 286 11.68 -16.93 -14.34
C GLU A 286 11.57 -15.55 -15.00
N TRP A 287 10.54 -14.77 -14.66
CA TRP A 287 10.34 -13.46 -15.27
C TRP A 287 11.56 -12.59 -15.52
N GLY A 288 12.45 -12.50 -14.54
CA GLY A 288 13.61 -11.64 -14.68
C GLY A 288 13.18 -10.25 -14.23
N ALA A 289 12.09 -9.76 -14.80
CA ALA A 289 11.52 -8.47 -14.47
C ALA A 289 10.15 -8.41 -15.12
N LEU A 290 9.29 -7.51 -14.64
CA LEU A 290 7.95 -7.35 -15.18
C LEU A 290 7.74 -5.96 -15.80
N SER A 291 6.88 -5.84 -16.81
CA SER A 291 6.69 -4.52 -17.41
C SER A 291 5.51 -4.27 -18.33
N ASP A 292 5.28 -2.98 -18.57
CA ASP A 292 4.26 -2.45 -19.48
C ASP A 292 5.02 -1.22 -20.00
N ALA A 293 6.12 -1.48 -20.71
CA ALA A 293 7.00 -0.46 -21.26
C ALA A 293 6.29 0.63 -22.05
N ASP A 294 5.18 0.28 -22.67
CA ASP A 294 4.43 1.26 -23.42
C ASP A 294 4.03 2.31 -22.39
N LEU A 295 3.43 1.84 -21.30
CA LEU A 295 2.93 2.68 -20.23
C LEU A 295 4.03 3.46 -19.50
N GLY A 296 5.16 2.81 -19.28
CA GLY A 296 6.27 3.46 -18.61
C GLY A 296 6.63 2.90 -17.25
N ILE A 297 5.91 1.88 -16.81
CA ILE A 297 6.17 1.32 -15.50
C ILE A 297 6.85 -0.04 -15.56
N TYR A 298 7.93 -0.20 -14.80
CA TYR A 298 8.67 -1.45 -14.79
C TYR A 298 8.73 -2.01 -13.36
N VAL A 299 8.78 -3.34 -13.24
CA VAL A 299 8.81 -3.99 -11.94
C VAL A 299 9.97 -4.99 -11.80
N CYS A 300 10.67 -4.95 -10.68
CA CYS A 300 11.78 -5.87 -10.47
C CYS A 300 11.99 -6.22 -9.00
N GLY A 301 12.83 -7.22 -8.77
CA GLY A 301 13.11 -7.65 -7.41
C GLY A 301 13.51 -9.09 -7.41
N ASP A 302 14.14 -9.55 -6.32
CA ASP A 302 14.58 -10.94 -6.21
C ASP A 302 13.52 -11.96 -6.58
N TRP A 303 12.26 -11.64 -6.29
CA TRP A 303 11.13 -12.54 -6.54
C TRP A 303 10.77 -12.70 -8.00
N CYS A 304 11.48 -11.97 -8.86
CA CYS A 304 11.26 -12.06 -10.29
C CYS A 304 12.08 -13.26 -10.78
N LEU A 305 12.98 -13.74 -9.91
CA LEU A 305 13.82 -14.89 -10.23
C LEU A 305 13.96 -15.83 -9.02
N SER A 306 15.21 -16.00 -8.57
CA SER A 306 15.59 -16.89 -7.50
C SER A 306 15.29 -16.51 -6.05
N GLY A 307 15.08 -15.23 -5.80
CA GLY A 307 14.81 -14.84 -4.44
C GLY A 307 16.11 -14.88 -3.68
N ARG A 308 17.19 -14.46 -4.34
CA ARG A 308 18.53 -14.42 -3.72
C ARG A 308 19.15 -13.08 -4.11
N VAL A 309 20.21 -12.66 -3.43
CA VAL A 309 20.87 -11.39 -3.75
C VAL A 309 21.01 -11.23 -5.27
N GLU A 310 21.68 -12.21 -5.88
CA GLU A 310 21.91 -12.21 -7.32
C GLU A 310 20.63 -12.08 -8.13
N GLY A 311 19.59 -12.76 -7.68
CA GLY A 311 18.33 -12.68 -8.41
C GLY A 311 17.88 -11.23 -8.43
N ALA A 312 17.94 -10.62 -7.25
CA ALA A 312 17.55 -9.23 -7.09
C ALA A 312 18.46 -8.37 -7.97
N TRP A 313 19.78 -8.59 -7.90
CA TRP A 313 20.68 -7.82 -8.74
C TRP A 313 20.37 -7.94 -10.24
N LEU A 314 20.14 -9.16 -10.71
CA LEU A 314 19.86 -9.40 -12.13
C LEU A 314 18.54 -8.80 -12.56
N SER A 315 17.56 -8.84 -11.67
CA SER A 315 16.22 -8.31 -11.96
C SER A 315 16.26 -6.82 -12.22
N GLY A 316 17.17 -6.13 -11.53
CA GLY A 316 17.32 -4.70 -11.71
C GLY A 316 17.89 -4.43 -13.08
N GLN A 317 19.05 -5.04 -13.34
CA GLN A 317 19.72 -4.88 -14.63
C GLN A 317 18.69 -5.13 -15.73
N GLU A 318 17.88 -6.17 -15.55
CA GLU A 318 16.88 -6.47 -16.57
C GLU A 318 15.87 -5.34 -16.79
N ALA A 319 15.31 -4.80 -15.70
CA ALA A 319 14.32 -3.73 -15.81
C ALA A 319 14.97 -2.52 -16.49
N ALA A 320 16.19 -2.19 -16.08
CA ALA A 320 16.88 -1.08 -16.68
C ALA A 320 17.05 -1.42 -18.17
N ARG A 321 17.60 -2.61 -18.45
CA ARG A 321 17.81 -3.06 -19.82
C ARG A 321 16.56 -2.90 -20.68
N ARG A 322 15.39 -3.19 -20.13
CA ARG A 322 14.18 -3.05 -20.93
C ARG A 322 13.79 -1.62 -21.13
N LEU A 323 14.06 -0.77 -20.14
CA LEU A 323 13.70 0.65 -20.22
C LEU A 323 14.58 1.27 -21.32
N LEU A 324 15.87 1.02 -21.21
CA LEU A 324 16.79 1.56 -22.16
C LEU A 324 16.40 1.11 -23.57
N GLU A 325 16.16 -0.18 -23.73
CA GLU A 325 15.80 -0.72 -25.03
C GLU A 325 14.59 -0.01 -25.58
N HIS A 326 13.58 0.14 -24.75
CA HIS A 326 12.36 0.77 -25.19
C HIS A 326 12.49 2.25 -25.53
N LEU A 327 13.60 2.88 -25.19
CA LEU A 327 13.72 4.30 -25.48
C LEU A 327 13.81 4.62 -26.96
N GLN A 328 13.99 3.58 -27.77
CA GLN A 328 14.01 3.70 -29.24
C GLN A 328 12.54 3.91 -29.55
N LEU A 329 11.80 4.32 -28.52
CA LEU A 329 10.36 4.54 -28.57
C LEU A 329 9.68 3.55 -29.49
N THR B 2 -13.01 -10.94 24.78
CA THR B 2 -13.34 -11.15 23.35
C THR B 2 -12.49 -10.30 22.41
N VAL B 3 -12.10 -10.90 21.30
CA VAL B 3 -11.26 -10.26 20.29
C VAL B 3 -12.16 -9.55 19.28
N PRO B 4 -11.99 -8.22 19.17
CA PRO B 4 -12.80 -7.46 18.23
C PRO B 4 -12.48 -7.70 16.78
N ILE B 5 -13.48 -7.48 15.92
CA ILE B 5 -13.32 -7.62 14.47
C ILE B 5 -12.70 -6.32 13.95
N ALA B 6 -11.86 -6.45 12.93
CA ALA B 6 -11.20 -5.29 12.39
C ALA B 6 -11.81 -4.86 11.06
N ILE B 7 -12.12 -3.57 10.98
CA ILE B 7 -12.67 -2.99 9.76
C ILE B 7 -11.76 -1.87 9.30
N ILE B 8 -11.20 -2.04 8.12
CA ILE B 8 -10.28 -1.05 7.61
C ILE B 8 -11.00 -0.16 6.61
N GLY B 9 -11.23 1.09 7.01
CA GLY B 9 -11.91 2.04 6.14
C GLY B 9 -13.22 2.44 6.78
N THR B 10 -13.49 3.75 6.85
CA THR B 10 -14.73 4.21 7.45
C THR B 10 -15.62 4.93 6.45
N GLY B 11 -15.65 4.35 5.24
CA GLY B 11 -16.53 4.88 4.22
C GLY B 11 -17.89 4.24 4.54
N ILE B 12 -18.91 4.49 3.74
CA ILE B 12 -20.18 3.92 4.08
C ILE B 12 -20.11 2.40 4.04
N ALA B 13 -19.32 1.85 3.13
CA ALA B 13 -19.22 0.40 3.05
C ALA B 13 -18.75 -0.19 4.35
N GLY B 14 -17.72 0.42 4.93
CA GLY B 14 -17.16 -0.10 6.16
C GLY B 14 -18.00 0.12 7.39
N LEU B 15 -18.64 1.27 7.47
CA LEU B 15 -19.46 1.56 8.63
C LEU B 15 -20.74 0.78 8.46
N SER B 16 -21.02 0.38 7.23
CA SER B 16 -22.24 -0.38 6.96
C SER B 16 -22.06 -1.78 7.58
N ALA B 17 -20.93 -2.42 7.28
CA ALA B 17 -20.62 -3.71 7.86
C ALA B 17 -20.58 -3.50 9.37
N ALA B 18 -19.89 -2.43 9.77
CA ALA B 18 -19.77 -2.09 11.17
C ALA B 18 -21.13 -2.06 11.89
N GLN B 19 -22.13 -1.42 11.28
CA GLN B 19 -23.45 -1.35 11.91
C GLN B 19 -24.12 -2.71 12.06
N ALA B 20 -24.07 -3.52 11.02
CA ALA B 20 -24.68 -4.83 11.06
C ALA B 20 -24.03 -5.73 12.12
N LEU B 21 -22.70 -5.70 12.21
CA LEU B 21 -22.00 -6.53 13.16
C LEU B 21 -22.27 -6.08 14.59
N THR B 22 -22.16 -4.78 14.79
CA THR B 22 -22.37 -4.16 16.08
C THR B 22 -23.79 -4.42 16.56
N ALA B 23 -24.75 -4.29 15.64
CA ALA B 23 -26.14 -4.52 15.96
C ALA B 23 -26.34 -5.98 16.36
N ALA B 24 -25.42 -6.84 15.94
CA ALA B 24 -25.54 -8.25 16.27
C ALA B 24 -24.74 -8.65 17.50
N GLY B 25 -24.13 -7.69 18.20
CA GLY B 25 -23.38 -8.00 19.42
C GLY B 25 -21.84 -8.12 19.37
N HIS B 26 -21.27 -8.23 18.17
CA HIS B 26 -19.83 -8.35 18.02
C HIS B 26 -19.12 -7.02 18.05
N GLN B 27 -18.08 -6.92 18.88
CA GLN B 27 -17.33 -5.69 18.94
C GLN B 27 -16.49 -5.54 17.67
N VAL B 28 -16.32 -4.30 17.24
CA VAL B 28 -15.55 -4.04 16.05
C VAL B 28 -14.59 -2.88 16.30
N HIS B 29 -13.52 -2.83 15.53
CA HIS B 29 -12.60 -1.72 15.64
C HIS B 29 -12.37 -1.21 14.22
N LEU B 30 -12.60 0.08 14.04
CA LEU B 30 -12.48 0.71 12.73
C LEU B 30 -11.16 1.43 12.62
N PHE B 31 -10.63 1.46 11.40
CA PHE B 31 -9.37 2.13 11.14
C PHE B 31 -9.48 2.98 9.91
N ASP B 32 -8.84 4.14 9.92
CA ASP B 32 -8.82 4.98 8.74
C ASP B 32 -7.60 5.89 8.76
N LYS B 33 -6.93 5.99 7.62
CA LYS B 33 -5.76 6.80 7.43
C LYS B 33 -6.12 8.27 7.45
N SER B 34 -7.39 8.59 7.25
CA SER B 34 -7.80 9.99 7.29
C SER B 34 -8.02 10.47 8.70
N ARG B 35 -8.39 11.74 8.84
CA ARG B 35 -8.64 12.33 10.16
C ARG B 35 -10.04 12.06 10.63
N GLY B 36 -10.94 11.92 9.66
CA GLY B 36 -12.33 11.67 9.94
C GLY B 36 -12.89 10.57 9.05
N SER B 37 -14.15 10.18 9.30
CA SER B 37 -14.77 9.13 8.53
C SER B 37 -15.55 9.71 7.34
N GLY B 38 -16.07 8.82 6.50
CA GLY B 38 -16.85 9.22 5.35
C GLY B 38 -16.28 8.91 3.98
N GLY B 39 -14.95 8.82 3.89
CA GLY B 39 -14.34 8.56 2.61
C GLY B 39 -14.84 9.49 1.51
N ARG B 40 -15.32 8.88 0.42
CA ARG B 40 -15.78 9.65 -0.72
C ARG B 40 -17.07 10.35 -0.47
N MSE B 41 -17.67 10.12 0.69
CA MSE B 41 -18.92 10.81 1.00
C MSE B 41 -18.71 11.93 1.98
O MSE B 41 -19.66 12.53 2.42
CB MSE B 41 -19.95 9.87 1.59
CG MSE B 41 -20.72 9.05 0.58
SE MSE B 41 -21.85 7.82 1.53
CE MSE B 41 -23.25 9.03 2.11
N SER B 42 -17.46 12.23 2.32
CA SER B 42 -17.20 13.30 3.26
C SER B 42 -17.44 14.68 2.66
N SER B 43 -17.67 15.65 3.54
CA SER B 43 -17.87 17.04 3.13
C SER B 43 -16.64 17.81 3.58
N LYS B 44 -16.20 18.73 2.73
CA LYS B 44 -15.03 19.58 3.01
C LYS B 44 -15.45 20.88 3.72
N ARG B 45 -14.71 21.29 4.75
CA ARG B 45 -15.03 22.53 5.43
C ARG B 45 -14.38 23.66 4.65
N SER B 46 -15.08 24.78 4.55
CA SER B 46 -14.58 25.93 3.80
C SER B 46 -15.18 27.20 4.39
N ASP B 47 -14.85 28.35 3.80
CA ASP B 47 -15.40 29.62 4.28
C ASP B 47 -16.87 29.72 3.92
N ALA B 48 -17.29 28.87 2.98
CA ALA B 48 -18.69 28.81 2.51
C ALA B 48 -19.48 27.75 3.28
N GLY B 49 -18.86 27.18 4.32
CA GLY B 49 -19.52 26.15 5.11
C GLY B 49 -19.18 24.80 4.49
N ALA B 50 -19.76 23.71 4.99
CA ALA B 50 -19.46 22.39 4.42
C ALA B 50 -19.81 22.30 2.92
N LEU B 51 -18.87 21.81 2.14
CA LEU B 51 -19.10 21.66 0.73
C LEU B 51 -19.02 20.16 0.42
N ASP B 52 -19.93 19.69 -0.44
CA ASP B 52 -19.95 18.28 -0.85
C ASP B 52 -19.15 18.20 -2.11
N MSE B 53 -17.93 17.70 -2.02
CA MSE B 53 -17.07 17.61 -3.19
C MSE B 53 -16.86 16.21 -3.72
O MSE B 53 -16.06 16.00 -4.65
CB MSE B 53 -15.70 18.21 -2.87
CG MSE B 53 -15.82 19.63 -2.36
SE MSE B 53 -14.26 20.59 -2.84
CE MSE B 53 -12.96 19.63 -1.77
N GLY B 54 -17.54 15.25 -3.11
CA GLY B 54 -17.44 13.87 -3.53
C GLY B 54 -18.81 13.52 -3.99
N ALA B 55 -19.43 12.54 -3.34
CA ALA B 55 -20.79 12.11 -3.70
C ALA B 55 -21.68 13.35 -3.63
N GLN B 56 -22.46 13.60 -4.68
CA GLN B 56 -23.33 14.78 -4.77
C GLN B 56 -24.74 14.53 -4.25
N TYR B 57 -25.27 13.37 -4.59
CA TYR B 57 -26.61 12.98 -4.18
C TYR B 57 -26.67 11.49 -4.42
N PHE B 58 -27.69 10.82 -3.89
CA PHE B 58 -27.81 9.39 -4.13
C PHE B 58 -29.26 8.92 -4.13
N THR B 59 -29.54 7.93 -4.96
CA THR B 59 -30.88 7.36 -5.05
C THR B 59 -30.94 6.03 -4.32
N ALA B 60 -32.13 5.61 -3.93
CA ALA B 60 -32.35 4.35 -3.23
C ALA B 60 -33.23 3.42 -4.06
N ARG B 61 -32.60 2.56 -4.87
CA ARG B 61 -33.33 1.63 -5.70
C ARG B 61 -33.66 0.38 -4.88
N ASP B 62 -32.64 -0.24 -4.29
CA ASP B 62 -32.85 -1.42 -3.47
C ASP B 62 -33.74 -1.13 -2.26
N ARG B 63 -34.56 -2.11 -1.89
CA ARG B 63 -35.51 -1.99 -0.77
C ARG B 63 -34.93 -1.88 0.65
N ARG B 64 -33.82 -2.56 0.91
CA ARG B 64 -33.23 -2.49 2.25
C ARG B 64 -32.47 -1.19 2.39
N PHE B 65 -31.78 -0.82 1.33
CA PHE B 65 -31.03 0.42 1.37
C PHE B 65 -32.00 1.57 1.56
N ALA B 66 -33.15 1.50 0.89
CA ALA B 66 -34.20 2.51 0.99
C ALA B 66 -34.70 2.57 2.42
N THR B 67 -34.95 1.42 3.01
CA THR B 67 -35.42 1.33 4.40
C THR B 67 -34.46 2.10 5.28
N ALA B 68 -33.17 1.84 5.08
CA ALA B 68 -32.15 2.52 5.86
C ALA B 68 -32.18 4.05 5.63
N VAL B 69 -32.48 4.46 4.40
CA VAL B 69 -32.52 5.88 4.12
C VAL B 69 -33.67 6.60 4.82
N LYS B 70 -34.85 5.99 4.84
CA LYS B 70 -35.99 6.62 5.50
C LYS B 70 -35.80 6.70 6.99
N GLN B 71 -34.96 5.82 7.52
CA GLN B 71 -34.65 5.82 8.93
C GLN B 71 -33.69 6.96 9.19
N TRP B 72 -32.71 7.15 8.30
CA TRP B 72 -31.75 8.24 8.46
C TRP B 72 -32.46 9.59 8.34
N GLN B 73 -33.45 9.65 7.44
CA GLN B 73 -34.22 10.87 7.24
C GLN B 73 -34.99 11.20 8.52
N ALA B 74 -35.61 10.20 9.11
CA ALA B 74 -36.32 10.42 10.34
C ALA B 74 -35.32 10.80 11.42
N GLN B 75 -34.08 10.35 11.30
CA GLN B 75 -33.05 10.66 12.29
C GLN B 75 -32.60 12.10 12.15
N GLY B 76 -32.89 12.68 10.99
CA GLY B 76 -32.53 14.05 10.71
C GLY B 76 -31.18 14.20 10.00
N HIS B 77 -30.64 13.09 9.50
CA HIS B 77 -29.34 13.12 8.85
C HIS B 77 -29.39 13.09 7.34
N VAL B 78 -30.58 12.86 6.77
CA VAL B 78 -30.69 12.88 5.32
C VAL B 78 -31.95 13.66 4.99
N ALA B 79 -31.97 14.29 3.81
CA ALA B 79 -33.13 15.06 3.34
C ALA B 79 -33.17 15.00 1.82
N GLU B 80 -34.37 15.15 1.25
CA GLU B 80 -34.51 15.14 -0.20
C GLU B 80 -33.97 16.43 -0.84
N TRP B 81 -33.46 16.31 -2.05
CA TRP B 81 -32.90 17.43 -2.78
C TRP B 81 -33.61 17.64 -4.15
N THR B 82 -33.94 18.89 -4.51
CA THR B 82 -34.63 19.18 -5.78
C THR B 82 -33.94 20.15 -6.78
N PRO B 83 -32.81 19.71 -7.36
CA PRO B 83 -32.02 20.48 -8.33
C PRO B 83 -32.57 20.67 -9.76
N LEU B 84 -32.82 21.93 -10.10
CA LEU B 84 -33.27 22.29 -11.42
C LEU B 84 -32.11 21.85 -12.34
N LEU B 85 -32.25 20.70 -12.98
CA LEU B 85 -31.17 20.22 -13.82
C LEU B 85 -31.28 20.68 -15.24
N TYR B 86 -30.15 20.78 -15.91
CA TYR B 86 -30.10 21.24 -17.30
C TYR B 86 -29.10 20.32 -17.99
N ASN B 87 -28.83 20.58 -19.26
CA ASN B 87 -27.83 19.79 -19.98
C ASN B 87 -27.10 20.62 -21.03
N PHE B 88 -25.78 20.46 -21.09
CA PHE B 88 -24.96 21.19 -22.08
C PHE B 88 -24.53 20.21 -23.16
N HIS B 89 -25.22 20.24 -24.30
CA HIS B 89 -24.93 19.35 -25.43
C HIS B 89 -25.12 20.12 -26.75
N ALA B 90 -26.33 20.66 -26.91
CA ALA B 90 -26.71 21.46 -28.07
C ALA B 90 -26.98 22.80 -27.41
N GLY B 91 -25.96 23.35 -26.75
CA GLY B 91 -26.13 24.60 -26.04
C GLY B 91 -26.84 24.15 -24.79
N ARG B 92 -26.63 24.80 -23.66
CA ARG B 92 -27.29 24.33 -22.45
C ARG B 92 -28.81 24.45 -22.46
N LEU B 93 -29.48 23.31 -22.54
CA LEU B 93 -30.94 23.28 -22.52
C LEU B 93 -31.35 23.20 -21.04
N SER B 94 -32.59 22.82 -20.77
CA SER B 94 -33.05 22.70 -19.40
C SER B 94 -33.60 21.27 -19.12
N PRO B 95 -32.84 20.21 -19.51
CA PRO B 95 -33.16 18.77 -19.36
C PRO B 95 -33.19 18.23 -17.95
N SER B 96 -34.36 17.78 -17.49
CA SER B 96 -34.45 17.25 -16.13
C SER B 96 -35.23 15.95 -15.90
N PRO B 97 -34.91 15.24 -14.80
CA PRO B 97 -35.56 13.99 -14.41
C PRO B 97 -36.35 14.36 -13.15
N ASP B 98 -37.45 15.10 -13.33
CA ASP B 98 -38.29 15.48 -12.19
C ASP B 98 -38.71 14.15 -11.58
N GLU B 99 -38.20 13.10 -12.22
CA GLU B 99 -38.42 11.71 -11.89
C GLU B 99 -37.67 11.24 -10.65
N GLN B 100 -36.53 10.57 -10.91
CA GLN B 100 -35.67 10.02 -9.87
C GLN B 100 -35.49 10.87 -8.64
N VAL B 101 -35.97 10.35 -7.50
CA VAL B 101 -35.86 11.03 -6.22
C VAL B 101 -34.41 11.00 -5.73
N ARG B 102 -33.91 12.15 -5.31
CA ARG B 102 -32.54 12.21 -4.85
C ARG B 102 -32.42 12.53 -3.37
N TRP B 103 -31.36 12.01 -2.77
CA TRP B 103 -31.08 12.19 -1.36
C TRP B 103 -29.68 12.75 -1.12
N VAL B 104 -29.56 13.54 -0.05
CA VAL B 104 -28.29 14.11 0.37
C VAL B 104 -28.27 14.10 1.90
N GLY B 105 -27.07 14.08 2.48
CA GLY B 105 -26.95 14.11 3.92
C GLY B 105 -27.39 15.47 4.41
N LYS B 106 -28.02 15.54 5.57
CA LYS B 106 -28.55 16.79 6.07
C LYS B 106 -27.67 18.03 6.23
N PRO B 107 -26.81 18.10 7.26
CA PRO B 107 -26.07 19.37 7.22
C PRO B 107 -25.15 19.35 6.00
N GLY B 108 -24.55 18.20 5.76
CA GLY B 108 -23.67 18.06 4.63
C GLY B 108 -23.70 16.57 4.33
N MSE B 109 -23.21 16.18 3.16
CA MSE B 109 -23.20 14.77 2.81
C MSE B 109 -22.66 13.90 3.97
O MSE B 109 -23.21 12.84 4.26
CB MSE B 109 -22.36 14.57 1.56
CG MSE B 109 -22.42 13.18 0.96
SE MSE B 109 -24.24 12.67 0.44
CE MSE B 109 -24.34 13.67 -1.21
N SER B 110 -21.59 14.37 4.62
CA SER B 110 -20.90 13.66 5.69
C SER B 110 -21.75 13.19 6.87
N ALA B 111 -22.81 13.93 7.15
CA ALA B 111 -23.72 13.60 8.23
C ALA B 111 -24.11 12.13 8.34
N ILE B 112 -24.27 11.47 7.20
CA ILE B 112 -24.68 10.07 7.16
C ILE B 112 -23.68 9.08 7.75
N THR B 113 -22.41 9.17 7.37
CA THR B 113 -21.44 8.24 7.90
C THR B 113 -21.08 8.66 9.31
N ARG B 114 -21.07 9.97 9.56
CA ARG B 114 -20.75 10.43 10.90
C ARG B 114 -21.75 9.88 11.91
N ALA B 115 -23.02 9.79 11.51
CA ALA B 115 -24.06 9.28 12.40
C ALA B 115 -23.94 7.77 12.55
N MSE B 116 -23.59 7.09 11.46
CA MSE B 116 -23.39 5.65 11.48
C MSE B 116 -22.20 5.23 12.35
O MSE B 116 -22.20 4.17 12.97
CB MSE B 116 -23.16 5.13 10.07
CG MSE B 116 -24.38 5.18 9.20
SE MSE B 116 -23.93 4.76 7.37
CE MSE B 116 -23.85 2.83 7.52
N ARG B 117 -21.19 6.10 12.39
CA ARG B 117 -20.01 5.81 13.17
C ARG B 117 -20.32 5.88 14.67
N GLY B 118 -21.11 6.86 15.07
CA GLY B 118 -21.46 7.01 16.47
C GLY B 118 -20.23 7.12 17.35
N ASP B 119 -20.20 6.33 18.42
CA ASP B 119 -19.07 6.33 19.33
C ASP B 119 -18.28 5.02 19.16
N MSE B 120 -18.42 4.42 17.98
CA MSE B 120 -17.73 3.20 17.63
C MSE B 120 -16.25 3.37 17.88
O MSE B 120 -15.69 4.42 17.59
CB MSE B 120 -17.90 2.92 16.16
CG MSE B 120 -18.25 1.52 15.86
SE MSE B 120 -20.14 1.39 16.06
CE MSE B 120 -20.56 0.72 14.29
N PRO B 121 -15.58 2.35 18.43
CA PRO B 121 -14.15 2.59 18.63
C PRO B 121 -13.48 2.78 17.27
N VAL B 122 -12.75 3.87 17.12
CA VAL B 122 -12.09 4.12 15.86
C VAL B 122 -10.68 4.70 16.00
N SER B 123 -9.78 4.30 15.10
CA SER B 123 -8.42 4.84 15.11
C SER B 123 -8.19 5.62 13.82
N PHE B 124 -8.16 6.96 13.92
CA PHE B 124 -7.93 7.85 12.77
C PHE B 124 -6.45 8.16 12.53
N SER B 125 -6.10 8.66 11.35
CA SER B 125 -4.70 8.96 11.00
C SER B 125 -3.86 7.71 11.24
N CYS B 126 -4.46 6.57 10.95
CA CYS B 126 -3.78 5.32 11.13
C CYS B 126 -3.94 4.57 9.81
N ARG B 127 -2.88 4.57 9.01
CA ARG B 127 -2.89 3.91 7.71
C ARG B 127 -2.43 2.48 7.81
N ILE B 128 -3.30 1.54 7.50
CA ILE B 128 -2.85 0.17 7.57
C ILE B 128 -2.08 -0.21 6.31
N THR B 129 -0.92 -0.82 6.51
CA THR B 129 -0.02 -1.23 5.43
C THR B 129 0.14 -2.75 5.35
N GLU B 130 -0.14 -3.44 6.46
CA GLU B 130 0.02 -4.89 6.53
C GLU B 130 -1.08 -5.57 7.32
N VAL B 131 -1.56 -6.70 6.80
CA VAL B 131 -2.61 -7.47 7.46
C VAL B 131 -2.20 -8.94 7.45
N PHE B 132 -1.67 -9.44 8.56
CA PHE B 132 -1.24 -10.83 8.61
C PHE B 132 -1.86 -11.64 9.74
N ARG B 133 -1.88 -12.95 9.54
CA ARG B 133 -2.47 -13.88 10.49
C ARG B 133 -1.48 -14.74 11.26
N GLY B 134 -1.83 -15.00 12.51
CA GLY B 134 -1.02 -15.85 13.36
C GLY B 134 -1.66 -17.22 13.29
N GLU B 135 -1.56 -17.99 14.36
CA GLU B 135 -2.15 -19.31 14.38
C GLU B 135 -3.64 -19.18 14.63
N GLU B 136 -3.99 -18.16 15.40
CA GLU B 136 -5.37 -17.88 15.78
C GLU B 136 -5.89 -16.53 15.29
N HIS B 137 -5.21 -15.48 15.73
CA HIS B 137 -5.62 -14.11 15.45
C HIS B 137 -5.08 -13.39 14.23
N TRP B 138 -5.69 -12.22 14.00
CA TRP B 138 -5.34 -11.33 12.93
C TRP B 138 -4.67 -10.10 13.53
N ASN B 139 -3.66 -9.60 12.83
CA ASN B 139 -2.92 -8.42 13.27
C ASN B 139 -2.73 -7.46 12.11
N LEU B 140 -2.50 -6.19 12.42
CA LEU B 140 -2.32 -5.21 11.37
C LEU B 140 -1.15 -4.34 11.75
N LEU B 141 -0.42 -3.82 10.76
CA LEU B 141 0.67 -2.91 11.02
C LEU B 141 0.26 -1.64 10.33
N ASP B 142 0.58 -0.50 10.92
CA ASP B 142 0.24 0.76 10.29
C ASP B 142 1.56 1.40 9.83
N ALA B 143 1.48 2.52 9.12
CA ALA B 143 2.67 3.17 8.60
C ALA B 143 3.67 3.59 9.64
N GLU B 144 3.36 3.37 10.91
CA GLU B 144 4.29 3.77 11.96
C GLU B 144 5.06 2.54 12.39
N GLY B 145 4.75 1.41 11.78
CA GLY B 145 5.43 0.19 12.15
C GLY B 145 4.89 -0.26 13.49
N GLN B 146 3.74 0.28 13.91
CA GLN B 146 3.13 -0.12 15.18
C GLN B 146 2.08 -1.20 14.92
N ASN B 147 2.04 -2.20 15.80
CA ASN B 147 1.10 -3.31 15.69
C ASN B 147 -0.28 -2.92 16.20
N HIS B 148 -1.29 -3.72 15.86
CA HIS B 148 -2.67 -3.52 16.29
C HIS B 148 -3.30 -4.92 16.34
N GLY B 149 -3.88 -5.28 17.49
CA GLY B 149 -4.47 -6.58 17.64
C GLY B 149 -4.52 -7.14 19.07
N PRO B 150 -4.96 -8.39 19.22
CA PRO B 150 -5.41 -9.24 18.13
C PRO B 150 -6.80 -8.91 17.63
N PHE B 151 -7.16 -9.51 16.50
CA PHE B 151 -8.46 -9.31 15.90
C PHE B 151 -8.91 -10.68 15.46
N SER B 152 -10.22 -10.92 15.55
CA SER B 152 -10.71 -12.22 15.17
C SER B 152 -10.89 -12.38 13.67
N HIS B 153 -11.21 -11.27 13.01
CA HIS B 153 -11.42 -11.22 11.56
C HIS B 153 -11.07 -9.84 11.05
N VAL B 154 -10.94 -9.71 9.74
CA VAL B 154 -10.61 -8.42 9.14
C VAL B 154 -11.56 -8.15 7.97
N ILE B 155 -12.07 -6.93 7.90
CA ILE B 155 -12.94 -6.53 6.81
C ILE B 155 -12.22 -5.35 6.18
N ILE B 156 -11.83 -5.51 4.91
CA ILE B 156 -11.16 -4.44 4.17
C ILE B 156 -12.31 -3.73 3.41
N ALA B 157 -12.44 -2.43 3.65
CA ALA B 157 -13.50 -1.62 3.03
C ALA B 157 -12.90 -0.40 2.33
N THR B 158 -11.91 -0.70 1.49
CA THR B 158 -11.22 0.32 0.74
C THR B 158 -11.34 0.17 -0.79
N PRO B 159 -11.08 1.27 -1.52
CA PRO B 159 -11.15 1.20 -2.98
C PRO B 159 -10.25 0.03 -3.37
N ALA B 160 -10.70 -0.78 -4.31
CA ALA B 160 -9.93 -1.96 -4.73
C ALA B 160 -8.38 -1.85 -4.77
N PRO B 161 -7.81 -0.83 -5.45
CA PRO B 161 -6.35 -0.72 -5.50
C PRO B 161 -5.69 -0.56 -4.15
N GLN B 162 -6.41 0.01 -3.18
CA GLN B 162 -5.78 0.20 -1.87
C GLN B 162 -5.95 -1.05 -1.00
N ALA B 163 -6.72 -2.00 -1.51
CA ALA B 163 -6.97 -3.23 -0.80
C ALA B 163 -5.99 -4.35 -1.22
N SER B 164 -5.48 -4.29 -2.45
CA SER B 164 -4.57 -5.33 -2.93
C SER B 164 -3.43 -5.59 -1.95
N THR B 165 -2.83 -4.54 -1.40
CA THR B 165 -1.72 -4.72 -0.48
C THR B 165 -2.14 -5.21 0.87
N LEU B 166 -3.40 -4.97 1.20
CA LEU B 166 -3.88 -5.42 2.48
C LEU B 166 -4.39 -6.87 2.35
N LEU B 167 -4.16 -7.49 1.19
CA LEU B 167 -4.60 -8.86 0.98
C LEU B 167 -3.44 -9.86 0.72
N ALA B 168 -2.24 -9.54 1.18
CA ALA B 168 -1.10 -10.43 0.98
C ALA B 168 -1.37 -11.85 1.49
N ALA B 169 -2.07 -11.95 2.62
CA ALA B 169 -2.39 -13.25 3.23
C ALA B 169 -3.35 -14.08 2.43
N ALA B 170 -3.96 -13.46 1.41
CA ALA B 170 -4.92 -14.17 0.56
C ALA B 170 -4.71 -13.81 -0.91
N PRO B 171 -3.51 -14.12 -1.44
CA PRO B 171 -3.08 -13.86 -2.82
C PRO B 171 -4.13 -14.08 -3.89
N LYS B 172 -5.03 -15.03 -3.63
CA LYS B 172 -6.10 -15.36 -4.55
C LYS B 172 -7.08 -14.20 -4.62
N LEU B 173 -7.47 -13.67 -3.45
CA LEU B 173 -8.37 -12.52 -3.40
C LEU B 173 -7.64 -11.31 -4.01
N ALA B 174 -6.40 -11.13 -3.59
CA ALA B 174 -5.56 -10.03 -4.02
C ALA B 174 -5.61 -9.90 -5.54
N SER B 175 -5.26 -11.00 -6.18
CA SER B 175 -5.22 -11.06 -7.63
C SER B 175 -6.52 -10.61 -8.27
N VAL B 176 -7.64 -10.84 -7.59
CA VAL B 176 -8.95 -10.48 -8.12
C VAL B 176 -9.27 -9.02 -7.94
N VAL B 177 -8.83 -8.46 -6.82
CA VAL B 177 -9.09 -7.06 -6.51
C VAL B 177 -8.11 -6.20 -7.35
N ALA B 178 -6.86 -6.61 -7.43
CA ALA B 178 -5.86 -5.87 -8.21
C ALA B 178 -6.29 -5.67 -9.65
N GLY B 179 -7.15 -6.53 -10.14
CA GLY B 179 -7.60 -6.39 -11.50
C GLY B 179 -8.71 -5.37 -11.67
N VAL B 180 -9.16 -4.75 -10.58
CA VAL B 180 -10.26 -3.80 -10.65
C VAL B 180 -9.85 -2.36 -10.91
N LYS B 181 -10.36 -1.78 -12.00
CA LYS B 181 -10.02 -0.41 -12.37
C LYS B 181 -10.94 0.66 -11.79
N MSE B 182 -10.33 1.68 -11.22
CA MSE B 182 -11.06 2.78 -10.64
C MSE B 182 -10.79 4.01 -11.49
O MSE B 182 -9.65 4.27 -11.87
CB MSE B 182 -10.57 3.03 -9.20
CG MSE B 182 -10.70 1.84 -8.27
SE MSE B 182 -12.52 1.66 -7.59
CE MSE B 182 -13.07 0.13 -8.56
N ASP B 183 -11.83 4.75 -11.85
CA ASP B 183 -11.70 5.97 -12.65
C ASP B 183 -11.54 7.25 -11.81
N PRO B 184 -10.56 8.11 -12.16
CA PRO B 184 -10.31 9.35 -11.42
C PRO B 184 -11.36 10.41 -11.75
N THR B 185 -11.42 11.45 -10.93
CA THR B 185 -12.33 12.56 -11.12
C THR B 185 -11.85 13.81 -10.41
N TRP B 186 -11.51 14.84 -11.18
CA TRP B 186 -11.08 16.09 -10.62
C TRP B 186 -12.29 16.86 -10.17
N ALA B 187 -12.27 17.34 -8.93
CA ALA B 187 -13.37 18.15 -8.39
C ALA B 187 -12.82 19.55 -8.14
N VAL B 188 -13.69 20.55 -8.19
CA VAL B 188 -13.33 21.94 -8.00
C VAL B 188 -14.52 22.63 -7.37
N ALA B 189 -14.27 23.49 -6.40
CA ALA B 189 -15.33 24.24 -5.74
C ALA B 189 -15.06 25.74 -5.98
N LEU B 190 -16.11 26.49 -6.31
CA LEU B 190 -15.98 27.93 -6.52
C LEU B 190 -17.05 28.63 -5.71
N ALA B 191 -16.65 29.51 -4.81
CA ALA B 191 -17.60 30.28 -4.04
C ALA B 191 -17.67 31.64 -4.71
N PHE B 192 -18.87 32.19 -4.81
CA PHE B 192 -19.08 33.48 -5.42
C PHE B 192 -19.72 34.32 -4.39
N GLU B 193 -19.20 35.54 -4.23
CA GLU B 193 -19.71 36.48 -3.25
C GLU B 193 -21.08 36.98 -3.70
N THR B 194 -21.20 37.18 -5.00
CA THR B 194 -22.45 37.64 -5.60
C THR B 194 -23.01 36.43 -6.35
N PRO B 195 -24.25 36.01 -6.01
CA PRO B 195 -24.98 34.87 -6.59
C PRO B 195 -25.02 34.88 -8.09
N LEU B 196 -24.71 33.76 -8.72
CA LEU B 196 -24.73 33.69 -10.18
C LEU B 196 -26.14 33.94 -10.70
N GLN B 197 -26.23 34.59 -11.86
CA GLN B 197 -27.54 34.88 -12.41
C GLN B 197 -27.98 33.80 -13.39
N THR B 198 -28.51 32.73 -12.80
CA THR B 198 -29.03 31.56 -13.48
C THR B 198 -30.01 31.02 -12.46
N PRO B 199 -31.06 30.31 -12.90
CA PRO B 199 -32.02 29.82 -11.89
C PRO B 199 -31.74 28.36 -11.52
N MSE B 200 -30.84 27.76 -12.30
CA MSE B 200 -30.47 26.38 -12.11
C MSE B 200 -29.75 26.04 -10.82
O MSE B 200 -29.38 26.91 -10.03
CB MSE B 200 -29.64 25.89 -13.29
CG MSE B 200 -28.25 26.42 -13.33
SE MSE B 200 -27.40 25.40 -14.71
CE MSE B 200 -25.56 26.00 -14.53
N GLN B 201 -29.53 24.75 -10.63
CA GLN B 201 -28.89 24.25 -9.44
C GLN B 201 -28.13 22.95 -9.71
N GLY B 202 -28.12 22.47 -10.95
CA GLY B 202 -27.41 21.24 -11.31
C GLY B 202 -27.29 21.10 -12.83
N CYS B 203 -26.41 20.26 -13.36
CA CYS B 203 -26.32 20.15 -14.81
C CYS B 203 -25.40 19.05 -15.34
N PHE B 204 -25.87 18.35 -16.37
CA PHE B 204 -25.12 17.26 -16.96
C PHE B 204 -24.31 17.77 -18.19
N VAL B 205 -23.10 17.27 -18.41
CA VAL B 205 -22.29 17.88 -19.48
C VAL B 205 -21.53 17.06 -20.54
N GLN B 206 -21.58 17.58 -21.77
CA GLN B 206 -20.95 16.98 -22.95
C GLN B 206 -20.07 17.95 -23.74
N ASP B 207 -19.07 17.39 -24.40
CA ASP B 207 -18.14 18.16 -25.24
C ASP B 207 -17.25 19.15 -24.49
N SER B 208 -17.11 18.95 -23.18
CA SER B 208 -16.27 19.79 -22.34
C SER B 208 -15.57 18.92 -21.33
N PRO B 209 -14.59 19.49 -20.62
CA PRO B 209 -13.89 18.69 -19.61
C PRO B 209 -14.82 18.53 -18.42
N LEU B 210 -15.87 19.34 -18.37
CA LEU B 210 -16.84 19.24 -17.28
C LEU B 210 -17.75 18.07 -17.48
N ASP B 211 -18.55 17.77 -16.46
CA ASP B 211 -19.48 16.66 -16.55
C ASP B 211 -20.66 16.86 -15.65
N TRP B 212 -20.44 17.49 -14.50
CA TRP B 212 -21.56 17.76 -13.59
C TRP B 212 -21.25 18.98 -12.72
N LEU B 213 -22.28 19.62 -12.19
CA LEU B 213 -22.09 20.77 -11.33
C LEU B 213 -23.35 21.03 -10.54
N ALA B 214 -23.17 21.32 -9.26
CA ALA B 214 -24.27 21.55 -8.37
C ALA B 214 -24.13 22.87 -7.62
N ARG B 215 -25.26 23.50 -7.38
CA ARG B 215 -25.30 24.73 -6.65
C ARG B 215 -25.35 24.20 -5.24
N ASN B 216 -24.21 24.21 -4.54
CA ASN B 216 -24.21 23.68 -3.18
C ASN B 216 -25.19 24.33 -2.23
N ARG B 217 -25.59 25.56 -2.48
CA ARG B 217 -26.51 26.18 -1.56
C ARG B 217 -27.97 25.73 -1.74
N SER B 218 -28.27 25.09 -2.87
CA SER B 218 -29.64 24.62 -3.11
C SER B 218 -29.99 23.40 -2.22
N LYS B 219 -28.97 22.64 -1.84
CA LYS B 219 -29.17 21.48 -1.00
C LYS B 219 -29.68 21.92 0.37
N PRO B 220 -30.55 21.09 1.01
CA PRO B 220 -31.15 21.35 2.33
C PRO B 220 -30.12 21.67 3.40
N GLU B 221 -30.46 22.65 4.21
CA GLU B 221 -29.65 23.21 5.31
C GLU B 221 -28.20 23.56 5.01
N ARG B 222 -27.93 24.10 3.83
CA ARG B 222 -26.57 24.52 3.50
C ARG B 222 -26.47 26.03 3.71
N ASP B 223 -25.29 26.50 4.11
CA ASP B 223 -25.09 27.93 4.34
C ASP B 223 -25.54 28.75 3.13
N ASP B 224 -25.97 29.97 3.41
CA ASP B 224 -26.49 30.89 2.39
C ASP B 224 -25.52 31.93 1.82
N THR B 225 -24.86 32.64 2.72
CA THR B 225 -23.94 33.72 2.38
C THR B 225 -23.28 33.65 1.01
N LEU B 226 -22.36 32.70 0.86
CA LEU B 226 -21.67 32.54 -0.41
C LEU B 226 -22.41 31.58 -1.34
N ASP B 227 -22.34 31.85 -2.64
CA ASP B 227 -22.98 30.99 -3.61
C ASP B 227 -21.91 30.07 -4.20
N THR B 228 -21.75 28.92 -3.54
CA THR B 228 -20.76 27.91 -3.90
C THR B 228 -21.23 26.87 -4.90
N TRP B 229 -20.35 26.59 -5.86
CA TRP B 229 -20.62 25.64 -6.91
C TRP B 229 -19.59 24.53 -6.96
N ILE B 230 -20.05 23.27 -7.01
CA ILE B 230 -19.11 22.18 -7.11
C ILE B 230 -19.14 21.74 -8.54
N LEU B 231 -17.98 21.51 -9.11
CA LEU B 231 -17.92 21.10 -10.48
C LEU B 231 -17.07 19.83 -10.60
N HIS B 232 -17.63 18.82 -11.26
CA HIS B 232 -16.93 17.57 -11.45
C HIS B 232 -16.57 17.41 -12.88
N ALA B 233 -15.33 17.01 -13.10
CA ALA B 233 -14.81 16.81 -14.43
C ALA B 233 -14.93 15.37 -14.93
N THR B 234 -15.31 15.26 -16.18
CA THR B 234 -15.41 13.99 -16.86
C THR B 234 -14.25 13.08 -16.41
N SER B 235 -14.45 11.76 -16.43
CA SER B 235 -13.40 10.83 -16.04
C SER B 235 -12.30 10.92 -17.09
N GLN B 236 -12.74 10.94 -18.35
CA GLN B 236 -11.85 11.02 -19.50
C GLN B 236 -10.83 12.14 -19.32
N TRP B 237 -11.33 13.33 -19.03
CA TRP B 237 -10.48 14.50 -18.86
C TRP B 237 -9.52 14.34 -17.70
N SER B 238 -10.09 14.01 -16.53
CA SER B 238 -9.32 13.82 -15.31
C SER B 238 -8.12 12.92 -15.55
N ARG B 239 -8.29 11.92 -16.41
CA ARG B 239 -7.20 11.02 -16.74
C ARG B 239 -6.09 11.75 -17.46
N GLN B 240 -6.44 12.52 -18.50
CA GLN B 240 -5.44 13.26 -19.27
C GLN B 240 -4.82 14.42 -18.51
N ASN B 241 -5.53 14.89 -17.49
CA ASN B 241 -5.06 16.00 -16.68
C ASN B 241 -4.88 15.54 -15.23
N LEU B 242 -4.52 14.28 -15.08
CA LEU B 242 -4.33 13.72 -13.77
C LEU B 242 -3.16 14.37 -13.06
N ASP B 243 -2.03 14.51 -13.77
CA ASP B 243 -0.82 15.08 -13.17
C ASP B 243 -0.81 16.58 -13.19
N ALA B 244 -1.98 17.16 -13.44
CA ALA B 244 -2.19 18.60 -13.49
C ALA B 244 -2.07 19.24 -12.10
N SER B 245 -1.85 20.55 -12.05
CA SER B 245 -1.74 21.23 -10.78
C SER B 245 -3.08 21.81 -10.41
N ARG B 246 -3.33 21.92 -9.11
CA ARG B 246 -4.60 22.44 -8.63
C ARG B 246 -4.98 23.69 -9.38
N GLU B 247 -4.00 24.56 -9.57
CA GLU B 247 -4.22 25.83 -10.25
C GLU B 247 -4.68 25.59 -11.69
N GLN B 248 -3.94 24.78 -12.46
CA GLN B 248 -4.34 24.46 -13.82
C GLN B 248 -5.77 23.94 -13.85
N VAL B 249 -6.08 22.99 -12.96
CA VAL B 249 -7.42 22.41 -12.91
C VAL B 249 -8.50 23.44 -12.58
N ILE B 250 -8.25 24.22 -11.53
CA ILE B 250 -9.20 25.24 -11.11
C ILE B 250 -9.42 26.14 -12.29
N GLU B 251 -8.32 26.49 -12.94
CA GLU B 251 -8.36 27.37 -14.10
C GLU B 251 -9.31 26.84 -15.20
N HIS B 252 -8.96 25.71 -15.80
CA HIS B 252 -9.77 25.12 -16.86
C HIS B 252 -11.24 24.90 -16.49
N LEU B 253 -11.51 24.14 -15.43
CA LEU B 253 -12.90 23.89 -15.08
C LEU B 253 -13.65 25.17 -14.77
N HIS B 254 -12.93 26.21 -14.37
CA HIS B 254 -13.59 27.49 -14.10
C HIS B 254 -13.85 28.11 -15.48
N GLY B 255 -12.92 27.89 -16.40
CA GLY B 255 -13.07 28.37 -17.76
C GLY B 255 -14.29 27.73 -18.42
N ALA B 256 -14.31 26.40 -18.43
CA ALA B 256 -15.41 25.66 -19.02
C ALA B 256 -16.77 25.99 -18.42
N PHE B 257 -16.79 26.27 -17.13
CA PHE B 257 -18.05 26.60 -16.46
C PHE B 257 -18.55 27.99 -16.84
N ALA B 258 -17.63 28.88 -17.17
CA ALA B 258 -18.00 30.25 -17.55
C ALA B 258 -18.40 30.22 -19.02
N GLU B 259 -17.72 29.35 -19.76
CA GLU B 259 -17.95 29.17 -21.18
C GLU B 259 -19.23 28.37 -21.44
N LEU B 260 -20.17 28.36 -20.49
CA LEU B 260 -21.39 27.61 -20.71
C LEU B 260 -22.63 28.23 -20.08
N ILE B 261 -22.43 29.22 -19.21
CA ILE B 261 -23.58 29.90 -18.62
C ILE B 261 -23.80 31.22 -19.32
N ASP B 262 -25.07 31.50 -19.61
CA ASP B 262 -25.46 32.72 -20.29
C ASP B 262 -25.69 33.76 -19.21
N CYS B 263 -24.62 34.14 -18.52
CA CYS B 263 -24.74 35.11 -17.45
C CYS B 263 -23.42 35.76 -17.06
N THR B 264 -23.48 36.50 -15.95
CA THR B 264 -22.34 37.21 -15.42
C THR B 264 -21.72 36.41 -14.28
N MSE B 265 -20.41 36.19 -14.38
CA MSE B 265 -19.68 35.43 -13.38
C MSE B 265 -18.48 36.18 -12.76
O MSE B 265 -17.42 36.29 -13.37
CB MSE B 265 -19.18 34.12 -14.00
CG MSE B 265 -18.48 33.18 -13.04
SE MSE B 265 -18.37 31.40 -13.78
CE MSE B 265 -16.52 31.32 -14.25
N PRO B 266 -18.66 36.71 -11.54
CA PRO B 266 -17.57 37.44 -10.88
C PRO B 266 -16.45 36.45 -10.59
N ALA B 267 -15.24 36.93 -10.31
CA ALA B 267 -14.17 35.99 -9.99
C ALA B 267 -14.60 35.46 -8.64
N PRO B 268 -14.25 34.20 -8.33
CA PRO B 268 -14.62 33.57 -7.06
C PRO B 268 -13.93 34.14 -5.84
N VAL B 269 -14.62 34.12 -4.71
CA VAL B 269 -14.03 34.57 -3.48
C VAL B 269 -12.92 33.57 -3.13
N PHE B 270 -13.21 32.28 -3.27
CA PHE B 270 -12.21 31.25 -3.00
C PHE B 270 -12.43 30.05 -3.90
N SER B 271 -11.38 29.28 -4.14
CA SER B 271 -11.52 28.13 -5.01
C SER B 271 -10.70 26.93 -4.54
N LEU B 272 -11.29 25.75 -4.61
CA LEU B 272 -10.65 24.51 -4.19
C LEU B 272 -10.61 23.45 -5.29
N ALA B 273 -9.60 22.61 -5.25
CA ALA B 273 -9.51 21.54 -6.23
C ALA B 273 -9.10 20.28 -5.46
N HIS B 274 -9.77 19.18 -5.74
CA HIS B 274 -9.43 17.94 -5.08
C HIS B 274 -9.33 16.84 -6.13
N ARG B 275 -8.25 16.09 -6.09
CA ARG B 275 -8.10 15.02 -7.04
C ARG B 275 -8.45 13.66 -6.43
N TRP B 276 -9.63 13.17 -6.76
CA TRP B 276 -10.03 11.87 -6.27
C TRP B 276 -9.42 10.89 -7.25
N LEU B 277 -8.32 10.26 -6.88
CA LEU B 277 -7.71 9.26 -7.75
C LEU B 277 -8.63 8.04 -8.01
N TYR B 278 -9.23 7.52 -6.94
CA TYR B 278 -10.10 6.35 -7.07
C TYR B 278 -11.50 6.79 -6.71
N ALA B 279 -12.08 7.54 -7.63
CA ALA B 279 -13.41 8.11 -7.47
C ALA B 279 -14.52 7.14 -7.67
N ARG B 280 -14.42 6.36 -8.73
CA ARG B 280 -15.47 5.41 -9.09
C ARG B 280 -14.96 4.20 -9.85
N PRO B 281 -15.56 3.05 -9.61
CA PRO B 281 -15.16 1.84 -10.33
C PRO B 281 -15.44 2.10 -11.80
N ALA B 282 -14.52 1.70 -12.68
CA ALA B 282 -14.69 1.92 -14.12
C ALA B 282 -15.89 1.16 -14.71
N GLY B 283 -16.17 -0.01 -14.15
CA GLY B 283 -17.29 -0.79 -14.63
C GLY B 283 -18.12 -1.28 -13.47
N ALA B 284 -19.34 -1.78 -13.75
CA ALA B 284 -20.21 -2.31 -12.71
C ALA B 284 -19.80 -3.77 -12.40
N HIS B 285 -20.06 -4.23 -11.18
CA HIS B 285 -19.72 -5.60 -10.81
C HIS B 285 -20.90 -6.29 -10.14
N GLU B 286 -20.81 -7.60 -10.01
CA GLU B 286 -21.90 -8.36 -9.41
C GLU B 286 -21.53 -9.03 -8.10
N TRP B 287 -20.25 -9.10 -7.80
CA TRP B 287 -19.76 -9.75 -6.59
C TRP B 287 -20.51 -9.57 -5.28
N GLY B 288 -20.93 -8.34 -4.98
CA GLY B 288 -21.62 -8.09 -3.73
C GLY B 288 -20.62 -7.92 -2.61
N ALA B 289 -19.57 -8.74 -2.67
CA ALA B 289 -18.49 -8.73 -1.71
C ALA B 289 -17.56 -9.84 -2.11
N LEU B 290 -16.32 -9.76 -1.67
CA LEU B 290 -15.33 -10.78 -1.96
C LEU B 290 -14.89 -11.35 -0.61
N SER B 291 -14.48 -12.61 -0.55
CA SER B 291 -14.04 -13.16 0.75
C SER B 291 -13.46 -14.56 0.78
N ASP B 292 -12.76 -14.84 1.88
CA ASP B 292 -12.20 -16.16 2.15
C ASP B 292 -12.53 -16.35 3.62
N ALA B 293 -13.79 -16.73 3.85
CA ALA B 293 -14.36 -16.90 5.19
C ALA B 293 -13.62 -17.77 6.21
N ASP B 294 -12.94 -18.82 5.75
CA ASP B 294 -12.20 -19.71 6.64
C ASP B 294 -10.97 -19.01 7.18
N LEU B 295 -10.41 -18.13 6.35
CA LEU B 295 -9.25 -17.34 6.74
C LEU B 295 -9.77 -16.23 7.63
N GLY B 296 -11.01 -15.80 7.39
CA GLY B 296 -11.63 -14.76 8.19
C GLY B 296 -11.32 -13.36 7.70
N ILE B 297 -11.18 -13.27 6.39
CA ILE B 297 -10.81 -12.03 5.73
C ILE B 297 -11.92 -11.77 4.71
N TYR B 298 -12.48 -10.56 4.77
CA TYR B 298 -13.57 -10.14 3.89
C TYR B 298 -13.23 -8.81 3.19
N VAL B 299 -13.78 -8.62 1.98
CA VAL B 299 -13.50 -7.38 1.24
C VAL B 299 -14.78 -6.81 0.70
N CYS B 300 -14.97 -5.51 0.87
CA CYS B 300 -16.19 -4.89 0.38
C CYS B 300 -15.95 -3.47 -0.11
N GLY B 301 -16.96 -2.92 -0.77
CA GLY B 301 -16.82 -1.58 -1.31
C GLY B 301 -17.82 -1.32 -2.42
N ASP B 302 -17.97 -0.06 -2.78
CA ASP B 302 -18.92 0.32 -3.82
C ASP B 302 -18.55 -0.42 -5.09
N TRP B 303 -17.25 -0.68 -5.26
CA TRP B 303 -16.80 -1.38 -6.44
C TRP B 303 -17.09 -2.91 -6.47
N CYS B 304 -17.84 -3.42 -5.50
CA CYS B 304 -18.20 -4.84 -5.50
C CYS B 304 -19.59 -4.93 -6.17
N LEU B 305 -20.18 -3.76 -6.39
CA LEU B 305 -21.48 -3.64 -7.01
C LEU B 305 -21.58 -2.49 -8.04
N SER B 306 -22.56 -1.62 -7.85
CA SER B 306 -22.86 -0.51 -8.74
C SER B 306 -21.82 0.61 -8.87
N GLY B 307 -21.25 1.02 -7.74
CA GLY B 307 -20.28 2.08 -7.75
C GLY B 307 -20.97 3.33 -7.24
N ARG B 308 -22.11 3.15 -6.60
CA ARG B 308 -22.85 4.28 -6.06
C ARG B 308 -22.86 4.10 -4.58
N VAL B 309 -23.38 5.09 -3.87
CA VAL B 309 -23.46 5.03 -2.44
C VAL B 309 -24.17 3.75 -2.07
N GLU B 310 -25.34 3.54 -2.66
CA GLU B 310 -26.14 2.35 -2.39
C GLU B 310 -25.37 1.05 -2.45
N GLY B 311 -24.63 0.83 -3.54
CA GLY B 311 -23.84 -0.39 -3.67
C GLY B 311 -22.81 -0.54 -2.54
N ALA B 312 -22.24 0.58 -2.14
CA ALA B 312 -21.26 0.61 -1.07
C ALA B 312 -21.94 0.14 0.20
N TRP B 313 -23.12 0.68 0.48
CA TRP B 313 -23.87 0.28 1.68
C TRP B 313 -24.28 -1.19 1.61
N LEU B 314 -24.61 -1.67 0.41
CA LEU B 314 -24.99 -3.08 0.23
C LEU B 314 -23.77 -3.97 0.48
N SER B 315 -22.67 -3.70 -0.25
CA SER B 315 -21.43 -4.46 -0.09
C SER B 315 -21.09 -4.54 1.41
N GLY B 316 -21.32 -3.44 2.11
CA GLY B 316 -21.09 -3.40 3.53
C GLY B 316 -21.94 -4.44 4.23
N GLN B 317 -23.24 -4.42 4.00
CA GLN B 317 -24.15 -5.37 4.63
C GLN B 317 -23.80 -6.80 4.25
N GLU B 318 -23.46 -7.02 2.98
CA GLU B 318 -23.13 -8.37 2.52
C GLU B 318 -21.92 -9.00 3.17
N ALA B 319 -20.87 -8.21 3.32
CA ALA B 319 -19.65 -8.67 3.93
C ALA B 319 -19.96 -9.09 5.36
N ALA B 320 -20.79 -8.31 6.04
CA ALA B 320 -21.15 -8.61 7.40
C ALA B 320 -22.03 -9.84 7.44
N ARG B 321 -22.86 -9.99 6.41
CA ARG B 321 -23.75 -11.14 6.39
C ARG B 321 -22.94 -12.42 6.40
N ARG B 322 -21.89 -12.45 5.59
CA ARG B 322 -21.03 -13.63 5.47
C ARG B 322 -20.18 -13.96 6.69
N LEU B 323 -19.62 -12.93 7.31
CA LEU B 323 -18.82 -13.16 8.50
C LEU B 323 -19.76 -13.72 9.57
N LEU B 324 -20.97 -13.17 9.66
CA LEU B 324 -21.96 -13.61 10.63
C LEU B 324 -22.47 -15.04 10.38
N GLU B 325 -22.58 -15.41 9.12
CA GLU B 325 -23.05 -16.73 8.76
C GLU B 325 -21.96 -17.72 9.09
N HIS B 326 -20.71 -17.35 8.81
CA HIS B 326 -19.60 -18.23 9.08
C HIS B 326 -19.48 -18.49 10.56
N LEU B 327 -20.03 -17.60 11.38
CA LEU B 327 -19.99 -17.82 12.82
C LEU B 327 -21.02 -18.89 13.17
N GLN B 328 -20.91 -19.99 12.41
CA GLN B 328 -21.70 -21.20 12.52
C GLN B 328 -20.58 -22.19 12.80
N LEU B 329 -19.40 -21.63 13.03
CA LEU B 329 -18.19 -22.40 13.30
C LEU B 329 -17.83 -23.22 12.05
PA FAD C . 14.49 -5.24 -0.80
O1A FAD C . 15.89 -4.84 -0.60
O2A FAD C . 13.95 -6.14 0.41
O5B FAD C . 13.47 -4.00 -0.89
C5B FAD C . 13.90 -2.70 -1.29
C4B FAD C . 13.10 -1.59 -0.61
O4B FAD C . 11.72 -1.45 -0.99
C3B FAD C . 13.06 -1.72 0.91
O3B FAD C . 14.14 -0.95 1.43
C2B FAD C . 11.69 -1.12 1.26
O2B FAD C . 11.76 -0.10 2.26
C1B FAD C . 11.28 -0.46 -0.06
N9A FAD C . 9.83 -0.20 -0.12
C8A FAD C . 8.85 -1.09 -0.03
N7A FAD C . 7.68 -0.50 -0.24
C5A FAD C . 7.90 0.79 -0.47
C6A FAD C . 7.10 1.89 -0.75
N6A FAD C . 5.78 1.77 -0.90
N1A FAD C . 7.67 3.09 -0.92
C2A FAD C . 8.98 3.23 -0.81
N3A FAD C . 9.78 2.21 -0.55
C4A FAD C . 9.27 0.98 -0.37
N1 FAD C . 19.58 -13.91 0.03
C2 FAD C . 20.77 -14.59 -0.24
O2 FAD C . 21.26 -14.55 -1.36
N3 FAD C . 21.42 -15.30 0.79
C4 FAD C . 20.86 -15.33 2.07
O4 FAD C . 21.43 -15.91 2.98
C4X FAD C . 19.66 -14.64 2.32
N5 FAD C . 19.13 -14.66 3.63
C5X FAD C . 17.96 -13.94 3.91
C6 FAD C . 17.52 -13.82 5.22
C7 FAD C . 16.46 -12.96 5.53
C7M FAD C . 16.01 -12.81 6.97
C8 FAD C . 15.85 -12.23 4.51
C8M FAD C . 14.73 -11.23 4.84
C9 FAD C . 16.27 -12.37 3.19
C9A FAD C . 17.33 -13.23 2.89
N10 FAD C . 17.82 -13.28 1.58
C10 FAD C . 19.02 -13.95 1.32
C1' FAD C . 17.11 -12.57 0.49
C2' FAD C . 17.76 -11.27 0.05
O2' FAD C . 17.97 -10.44 1.20
C3' FAD C . 16.82 -10.58 -0.93
O3' FAD C . 16.57 -11.44 -2.05
C4' FAD C . 17.34 -9.25 -1.49
O4' FAD C . 17.88 -8.42 -0.47
C5' FAD C . 16.17 -8.54 -2.19
O5' FAD C . 16.50 -7.21 -2.59
P FAD C . 15.35 -6.33 -3.28
O1P FAD C . 15.91 -5.11 -3.89
O2P FAD C . 14.61 -7.28 -4.35
O3P FAD C . 14.22 -6.09 -2.15
PA FAD D . -14.70 5.03 0.37
O1A FAD D . -15.71 5.95 0.95
O2A FAD D . -14.00 5.61 -0.95
O5B FAD D . -13.44 4.74 1.33
C5B FAD D . -13.58 4.37 2.70
C4B FAD D . -12.28 4.64 3.46
O4B FAD D . -11.17 3.77 3.18
C3B FAD D . -11.74 6.05 3.23
O3B FAD D . -12.06 6.88 4.36
C2B FAD D . -10.23 5.83 3.16
O2B FAD D . -9.55 6.81 3.94
C1B FAD D . -10.09 4.46 3.82
N9A FAD D . -8.78 3.87 3.51
C8A FAD D . -8.31 3.59 2.29
N7A FAD D . -7.15 2.94 2.40
C5A FAD D . -6.87 2.80 3.69
C6A FAD D . -5.84 2.18 4.41
N6A FAD D . -4.88 1.51 3.78
N1A FAD D . -5.87 2.22 5.74
C2A FAD D . -6.85 2.82 6.39
N3A FAD D . -7.84 3.41 5.74
C4A FAD D . -7.89 3.42 4.40
N1 FAD D . -22.37 7.99 -5.63
C2 FAD D . -23.74 8.31 -5.73
O2 FAD D . -24.59 7.50 -5.36
N3 FAD D . -24.13 9.56 -6.21
C4 FAD D . -23.16 10.49 -6.60
O4 FAD D . -23.50 11.60 -7.00
C4X FAD D . -21.81 10.18 -6.50
N5 FAD D . -20.85 11.11 -6.92
C5X FAD D . -19.49 10.82 -6.78
C6 FAD D . -18.54 11.81 -7.03
C7 FAD D . -17.20 11.60 -6.71
C7M FAD D . -16.17 12.67 -7.06
C8 FAD D . -16.81 10.40 -6.11
C8M FAD D . -15.36 10.18 -5.67
C9 FAD D . -17.76 9.40 -5.88
C9A FAD D . -19.09 9.61 -6.21
N10 FAD D . -20.05 8.64 -5.91
C10 FAD D . -21.41 8.93 -6.02
C1' FAD D . -19.61 7.32 -5.39
C2' FAD D . -19.60 7.19 -3.86
O2' FAD D . -18.93 8.32 -3.28
C3' FAD D . -18.84 5.90 -3.52
O3' FAD D . -19.41 4.80 -4.23
C4' FAD D . -18.87 5.57 -2.03
O4' FAD D . -18.56 6.71 -1.24
C5' FAD D . -17.85 4.45 -1.75
O5' FAD D . -17.80 4.20 -0.35
P FAD D . -16.79 3.10 0.27
O1P FAD D . -17.07 2.91 1.71
O2P FAD D . -16.99 1.77 -0.60
O3P FAD D . -15.29 3.61 -0.08
#